data_4LGP
#
_entry.id   4LGP
#
_cell.length_a   90.168
_cell.length_b   92.443
_cell.length_c   93.317
_cell.angle_alpha   90.000
_cell.angle_beta   90.000
_cell.angle_gamma   90.000
#
_symmetry.space_group_name_H-M   'P 21 21 21'
#
loop_
_entity.id
_entity.type
_entity.pdbx_description
1 polymer Ricin
2 polymer 'VHH1 camelid nanobody'
3 non-polymer 'CHLORIDE ION'
4 non-polymer 1,2-ETHANEDIOL
5 water water
#
loop_
_entity_poly.entity_id
_entity_poly.type
_entity_poly.pdbx_seq_one_letter_code
_entity_poly.pdbx_strand_id
1 'polypeptide(L)'
;IFPKQYPIINFTTAGATVQSYTNFIRAVRGRLTTGADVRHEIPVLPNRVGLPINQRFILVELSNHAELSVTLALDVTNAY
VVGYRAGNSAYFFHPDNQEDAEAITHLFTDVQNRYTFAFGGNYDRLEQLAGNLRENIELGNGPLEEAISALYYYSTGGTQ
LPTLARSFIICIQMISEAARFQYIEGEMRTRIRYNRRSAPDPSVITLENSWGRLSTAIQESNQGAFASPIQLQRRNGSKF
SVYDVSILIPIIALMVYRCAP
;
A,C
2 'polypeptide(L)'
;QVQLVETGGGLVQPGGSLTLSCAGSGGTLEHYAIGWFRQAPGKEHEWLVCNRGEYGSTVYVDSVKGRFTASRDNAKNTVY
LQLNSLKPDDTGIYYCVSGCYSWRGPWGQGTQVTVS
;
B,D
#
# COMPACT_ATOMS: atom_id res chain seq x y z
N ILE A 1 -3.23 -38.24 6.44
CA ILE A 1 -3.96 -38.26 5.18
C ILE A 1 -4.19 -36.87 4.61
N PHE A 2 -4.49 -35.92 5.49
CA PHE A 2 -4.97 -34.61 5.08
C PHE A 2 -3.99 -33.66 4.38
N PRO A 3 -2.79 -33.44 4.96
CA PRO A 3 -1.98 -32.35 4.40
C PRO A 3 -1.78 -32.44 2.88
N LYS A 4 -2.05 -31.34 2.19
CA LYS A 4 -1.99 -31.28 0.74
C LYS A 4 -0.55 -31.20 0.25
N GLN A 5 -0.19 -32.09 -0.68
CA GLN A 5 1.13 -32.06 -1.28
C GLN A 5 1.11 -31.24 -2.55
N TYR A 6 1.76 -30.08 -2.52
CA TYR A 6 1.80 -29.20 -3.66
C TYR A 6 2.90 -29.64 -4.62
N PRO A 7 2.73 -29.33 -5.92
CA PRO A 7 3.72 -29.66 -6.95
C PRO A 7 5.11 -29.14 -6.58
N ILE A 8 6.13 -29.98 -6.80
CA ILE A 8 7.51 -29.61 -6.50
C ILE A 8 8.34 -29.54 -7.79
N ILE A 9 8.95 -28.38 -8.03
CA ILE A 9 9.85 -28.20 -9.16
C ILE A 9 11.29 -28.10 -8.67
N ASN A 10 12.12 -29.09 -9.02
CA ASN A 10 13.52 -29.13 -8.57
C ASN A 10 14.46 -28.38 -9.49
N PHE A 11 15.41 -27.65 -8.89
CA PHE A 11 16.51 -27.03 -9.63
C PHE A 11 17.76 -27.00 -8.75
N THR A 12 18.91 -27.24 -9.35
CA THR A 12 20.17 -27.21 -8.63
C THR A 12 21.19 -26.33 -9.33
N THR A 13 21.92 -25.52 -8.55
CA THR A 13 22.91 -24.62 -9.11
C THR A 13 24.20 -25.37 -9.47
N ALA A 14 24.29 -26.61 -9.02
CA ALA A 14 25.51 -27.38 -9.24
C ALA A 14 25.54 -27.89 -10.67
N GLY A 15 26.57 -27.46 -11.41
CA GLY A 15 26.71 -27.84 -12.81
C GLY A 15 25.53 -27.38 -13.63
N ALA A 16 24.96 -26.23 -13.24
CA ALA A 16 23.81 -25.68 -13.94
C ALA A 16 24.15 -25.24 -15.36
N THR A 17 23.15 -25.27 -16.23
CA THR A 17 23.31 -24.90 -17.64
C THR A 17 22.20 -23.98 -18.10
N VAL A 18 22.39 -23.36 -19.27
CA VAL A 18 21.36 -22.52 -19.87
C VAL A 18 20.11 -23.36 -20.14
N GLN A 19 20.35 -24.59 -20.59
CA GLN A 19 19.30 -25.57 -20.87
C GLN A 19 18.52 -25.96 -19.63
N SER A 20 19.23 -26.32 -18.56
CA SER A 20 18.57 -26.76 -17.33
C SER A 20 17.88 -25.60 -16.61
N TYR A 21 18.35 -24.38 -16.84
CA TYR A 21 17.69 -23.22 -16.24
C TYR A 21 16.42 -22.89 -17.01
N THR A 22 16.50 -22.97 -18.33
CA THR A 22 15.32 -22.78 -19.17
C THR A 22 14.27 -23.82 -18.83
N ASN A 23 14.70 -25.07 -18.72
CA ASN A 23 13.81 -26.16 -18.33
C ASN A 23 13.16 -25.90 -16.97
N PHE A 24 13.92 -25.31 -16.05
CA PHE A 24 13.40 -24.97 -14.74
C PHE A 24 12.28 -23.92 -14.80
N ILE A 25 12.52 -22.83 -15.52
CA ILE A 25 11.53 -21.76 -15.64
C ILE A 25 10.26 -22.19 -16.39
N ARG A 26 10.40 -23.16 -17.30
CA ARG A 26 9.23 -23.67 -18.03
C ARG A 26 8.36 -24.55 -17.14
N ALA A 27 9.01 -25.38 -16.34
CA ALA A 27 8.30 -26.25 -15.40
C ALA A 27 7.56 -25.41 -14.37
N VAL A 28 8.18 -24.32 -13.94
CA VAL A 28 7.53 -23.42 -12.99
C VAL A 28 6.31 -22.78 -13.62
N ARG A 29 6.47 -22.32 -14.87
CA ARG A 29 5.36 -21.74 -15.62
C ARG A 29 4.28 -22.79 -15.88
N GLY A 30 4.71 -24.03 -16.10
CA GLY A 30 3.77 -25.10 -16.35
C GLY A 30 2.87 -25.34 -15.16
N ARG A 31 3.44 -25.24 -13.96
CA ARG A 31 2.70 -25.47 -12.73
C ARG A 31 1.85 -24.26 -12.34
N LEU A 32 2.33 -23.07 -12.66
CA LEU A 32 1.61 -21.85 -12.31
C LEU A 32 0.36 -21.67 -13.16
N THR A 33 0.42 -22.13 -14.40
CA THR A 33 -0.72 -21.96 -15.30
C THR A 33 -1.14 -23.27 -15.98
N THR A 34 -2.44 -23.46 -16.11
CA THR A 34 -2.95 -24.55 -16.92
C THR A 34 -2.67 -24.10 -18.33
N GLY A 35 -2.83 -22.79 -18.51
CA GLY A 35 -2.72 -22.16 -19.81
C GLY A 35 -4.11 -22.06 -20.37
N ALA A 36 -5.10 -22.35 -19.52
CA ALA A 36 -6.50 -22.34 -19.90
C ALA A 36 -6.99 -20.94 -20.21
N ASP A 37 -6.52 -19.96 -19.45
CA ASP A 37 -6.91 -18.57 -19.67
C ASP A 37 -5.82 -17.82 -20.43
N VAL A 38 -6.14 -17.42 -21.65
CA VAL A 38 -5.20 -16.67 -22.48
C VAL A 38 -5.89 -15.46 -23.12
N ARG A 39 -5.32 -14.28 -22.90
CA ARG A 39 -5.76 -13.08 -23.60
C ARG A 39 -4.59 -12.60 -24.46
N HIS A 40 -4.85 -12.32 -25.74
CA HIS A 40 -3.82 -11.78 -26.61
C HIS A 40 -2.53 -12.63 -26.59
N GLU A 41 -2.70 -13.94 -26.51
CA GLU A 41 -1.58 -14.90 -26.60
C GLU A 41 -0.79 -15.06 -25.30
N ILE A 42 -1.14 -14.28 -24.28
CA ILE A 42 -0.46 -14.33 -23.00
C ILE A 42 -1.25 -15.09 -21.94
N PRO A 43 -0.68 -16.20 -21.45
CA PRO A 43 -1.29 -16.99 -20.38
C PRO A 43 -1.54 -16.15 -19.13
N VAL A 44 -2.69 -16.33 -18.50
CA VAL A 44 -3.06 -15.58 -17.30
C VAL A 44 -3.03 -16.50 -16.08
N LEU A 45 -2.56 -15.96 -14.97
CA LEU A 45 -2.54 -16.72 -13.72
C LEU A 45 -3.94 -16.87 -13.16
N PRO A 46 -4.20 -17.98 -12.45
CA PRO A 46 -5.52 -18.29 -11.89
C PRO A 46 -6.07 -17.17 -11.02
N ASN A 47 -7.38 -16.97 -11.08
CA ASN A 47 -8.05 -15.95 -10.26
C ASN A 47 -7.93 -16.34 -8.79
N ARG A 48 -7.41 -15.42 -7.98
CA ARG A 48 -7.26 -15.69 -6.55
C ARG A 48 -8.63 -15.95 -5.92
N VAL A 49 -9.61 -15.18 -6.36
CA VAL A 49 -10.96 -15.25 -5.82
C VAL A 49 -11.65 -16.56 -6.19
N GLY A 50 -12.19 -17.24 -5.17
CA GLY A 50 -12.87 -18.51 -5.37
C GLY A 50 -11.92 -19.67 -5.62
N LEU A 51 -10.62 -19.41 -5.44
CA LEU A 51 -9.62 -20.44 -5.71
C LEU A 51 -9.46 -21.41 -4.54
N PRO A 52 -9.74 -22.70 -4.79
CA PRO A 52 -9.53 -23.73 -3.76
C PRO A 52 -8.07 -23.79 -3.31
N ILE A 53 -7.87 -23.98 -2.01
CA ILE A 53 -6.54 -23.94 -1.41
C ILE A 53 -5.58 -25.05 -1.91
N ASN A 54 -6.13 -26.10 -2.51
CA ASN A 54 -5.31 -27.18 -3.07
C ASN A 54 -4.60 -26.72 -4.36
N GLN A 55 -5.18 -25.72 -5.02
CA GLN A 55 -4.63 -25.14 -6.25
C GLN A 55 -3.80 -23.89 -5.99
N ARG A 56 -3.72 -23.47 -4.73
CA ARG A 56 -3.14 -22.17 -4.38
C ARG A 56 -1.61 -22.04 -4.49
N PHE A 57 -0.88 -23.10 -4.18
CA PHE A 57 0.59 -23.00 -4.10
C PHE A 57 1.37 -24.03 -4.90
N ILE A 58 2.59 -23.66 -5.28
CA ILE A 58 3.57 -24.61 -5.80
C ILE A 58 4.87 -24.50 -5.02
N LEU A 59 5.67 -25.57 -5.05
CA LEU A 59 6.90 -25.61 -4.26
C LEU A 59 8.13 -25.65 -5.15
N VAL A 60 9.13 -24.87 -4.80
CA VAL A 60 10.39 -24.88 -5.53
C VAL A 60 11.52 -25.40 -4.64
N GLU A 61 12.03 -26.59 -4.95
CA GLU A 61 13.14 -27.14 -4.18
C GLU A 61 14.48 -26.73 -4.77
N LEU A 62 15.25 -25.97 -3.99
CA LEU A 62 16.54 -25.45 -4.43
C LEU A 62 17.72 -26.19 -3.80
N SER A 63 18.66 -26.60 -4.63
CA SER A 63 19.86 -27.29 -4.20
C SER A 63 21.09 -26.62 -4.81
N ASN A 64 22.22 -26.68 -4.11
CA ASN A 64 23.44 -26.06 -4.60
C ASN A 64 24.63 -27.02 -4.59
N HIS A 65 25.79 -26.52 -5.00
CA HIS A 65 27.02 -27.31 -5.02
C HIS A 65 27.35 -27.83 -3.62
N ALA A 66 27.06 -27.00 -2.62
CA ALA A 66 27.30 -27.33 -1.22
C ALA A 66 26.43 -28.51 -0.75
N GLU A 67 25.52 -28.95 -1.62
CA GLU A 67 24.62 -30.05 -1.30
C GLU A 67 23.65 -29.66 -0.20
N LEU A 68 23.19 -28.41 -0.27
CA LEU A 68 22.19 -27.90 0.67
C LEU A 68 20.87 -27.68 -0.05
N SER A 69 19.77 -28.04 0.61
CA SER A 69 18.46 -27.96 -0.01
C SER A 69 17.56 -27.00 0.74
N VAL A 70 16.84 -26.17 -0.02
CA VAL A 70 15.94 -25.16 0.54
C VAL A 70 14.69 -25.08 -0.31
N THR A 71 13.52 -25.11 0.32
CA THR A 71 12.27 -25.13 -0.42
C THR A 71 11.48 -23.81 -0.33
N LEU A 72 11.12 -23.27 -1.49
CA LEU A 72 10.36 -22.03 -1.57
C LEU A 72 8.88 -22.29 -1.87
N ALA A 73 8.01 -21.52 -1.24
CA ALA A 73 6.59 -21.58 -1.54
C ALA A 73 6.20 -20.39 -2.42
N LEU A 74 5.61 -20.67 -3.58
CA LEU A 74 5.22 -19.62 -4.51
C LEU A 74 3.70 -19.55 -4.65
N ASP A 75 3.16 -18.34 -4.51
CA ASP A 75 1.72 -18.13 -4.66
C ASP A 75 1.38 -18.19 -6.15
N VAL A 76 0.47 -19.11 -6.49
CA VAL A 76 0.13 -19.38 -7.87
C VAL A 76 -0.54 -18.19 -8.56
N THR A 77 -1.15 -17.31 -7.77
CA THR A 77 -1.86 -16.16 -8.33
C THR A 77 -0.95 -15.02 -8.77
N ASN A 78 0.02 -14.65 -7.92
CA ASN A 78 1.03 -13.66 -8.30
C ASN A 78 2.39 -14.24 -8.71
N ALA A 79 2.53 -15.57 -8.63
CA ALA A 79 3.80 -16.23 -8.89
C ALA A 79 4.94 -15.69 -8.00
N TYR A 80 4.59 -15.24 -6.79
CA TYR A 80 5.55 -14.61 -5.90
C TYR A 80 5.81 -15.48 -4.68
N VAL A 81 6.99 -15.33 -4.09
CA VAL A 81 7.42 -16.14 -2.95
C VAL A 81 6.77 -15.66 -1.65
N VAL A 82 6.00 -16.53 -1.02
CA VAL A 82 5.34 -16.19 0.25
C VAL A 82 6.17 -16.60 1.46
N GLY A 83 7.23 -17.37 1.22
CA GLY A 83 8.08 -17.86 2.29
C GLY A 83 8.81 -19.13 1.87
N TYR A 84 9.57 -19.72 2.80
CA TYR A 84 10.35 -20.91 2.49
C TYR A 84 10.57 -21.83 3.68
N ARG A 85 11.21 -22.97 3.40
CA ARG A 85 11.38 -24.02 4.39
C ARG A 85 12.78 -24.59 4.32
N ALA A 86 13.46 -24.62 5.46
CA ALA A 86 14.79 -25.22 5.55
C ALA A 86 14.85 -26.14 6.77
N GLY A 87 15.08 -27.42 6.54
CA GLY A 87 15.11 -28.40 7.62
C GLY A 87 13.79 -28.46 8.38
N ASN A 88 13.87 -28.27 9.70
CA ASN A 88 12.70 -28.36 10.57
C ASN A 88 12.00 -27.01 10.79
N SER A 89 12.49 -25.98 10.12
CA SER A 89 11.91 -24.65 10.29
C SER A 89 11.31 -24.10 8.99
N ALA A 90 10.26 -23.31 9.12
CA ALA A 90 9.65 -22.63 7.99
C ALA A 90 9.53 -21.14 8.29
N TYR A 91 9.67 -20.32 7.27
CA TYR A 91 9.63 -18.87 7.44
C TYR A 91 8.71 -18.21 6.41
N PHE A 92 7.84 -17.32 6.89
CA PHE A 92 6.87 -16.67 6.02
C PHE A 92 6.93 -15.15 6.13
N PHE A 93 6.79 -14.47 4.99
CA PHE A 93 6.67 -13.02 4.99
C PHE A 93 5.38 -12.63 5.70
N HIS A 94 5.37 -11.45 6.30
CA HIS A 94 4.14 -10.95 6.92
C HIS A 94 3.06 -10.87 5.83
N PRO A 95 1.92 -11.55 6.06
CA PRO A 95 0.84 -11.59 5.07
C PRO A 95 0.10 -10.26 4.96
N ASP A 96 -0.36 -9.93 3.75
CA ASP A 96 -1.01 -8.65 3.49
C ASP A 96 -2.45 -8.55 3.99
N ASN A 97 -3.00 -9.67 4.46
CA ASN A 97 -4.39 -9.73 4.89
C ASN A 97 -4.72 -11.08 5.50
N GLN A 98 -5.82 -11.13 6.25
CA GLN A 98 -6.17 -12.30 7.04
C GLN A 98 -6.44 -13.56 6.20
N GLU A 99 -6.83 -13.38 4.95
CA GLU A 99 -7.11 -14.53 4.08
C GLU A 99 -5.82 -15.18 3.61
N ASP A 100 -4.82 -14.35 3.32
CA ASP A 100 -3.50 -14.85 2.96
C ASP A 100 -2.85 -15.47 4.19
N ALA A 101 -3.09 -14.86 5.35
CA ALA A 101 -2.64 -15.43 6.61
C ALA A 101 -3.18 -16.85 6.73
N GLU A 102 -4.47 -17.01 6.47
CA GLU A 102 -5.12 -18.31 6.52
C GLU A 102 -4.57 -19.28 5.47
N ALA A 103 -4.29 -18.77 4.28
CA ALA A 103 -3.80 -19.61 3.18
C ALA A 103 -2.47 -20.30 3.48
N ILE A 104 -1.52 -19.54 4.03
CA ILE A 104 -0.19 -20.08 4.29
C ILE A 104 -0.16 -21.11 5.42
N THR A 105 -1.26 -21.23 6.17
CA THR A 105 -1.37 -22.29 7.18
C THR A 105 -1.40 -23.67 6.54
N HIS A 106 -1.66 -23.72 5.23
CA HIS A 106 -1.72 -24.98 4.52
C HIS A 106 -0.35 -25.36 3.97
N LEU A 107 0.64 -24.51 4.25
CA LEU A 107 2.00 -24.72 3.78
C LEU A 107 2.88 -25.30 4.89
N PHE A 108 3.82 -26.15 4.51
CA PHE A 108 4.89 -26.58 5.41
C PHE A 108 4.34 -26.99 6.78
N THR A 109 3.35 -27.87 6.76
CA THR A 109 2.69 -28.29 8.00
C THR A 109 3.50 -29.30 8.80
N ASP A 110 4.59 -29.82 8.24
CA ASP A 110 5.41 -30.81 8.96
C ASP A 110 6.66 -30.26 9.67
N VAL A 111 6.86 -28.95 9.63
CA VAL A 111 7.98 -28.34 10.33
C VAL A 111 7.73 -28.24 11.84
N GLN A 112 8.81 -28.25 12.62
CA GLN A 112 8.73 -28.07 14.07
C GLN A 112 8.58 -26.60 14.43
N ASN A 113 9.32 -25.76 13.72
CA ASN A 113 9.36 -24.35 14.03
C ASN A 113 8.78 -23.52 12.89
N ARG A 114 7.80 -22.68 13.21
CA ARG A 114 7.11 -21.88 12.20
C ARG A 114 7.25 -20.40 12.54
N TYR A 115 7.77 -19.61 11.60
CA TYR A 115 8.05 -18.20 11.82
C TYR A 115 7.43 -17.28 10.77
N THR A 116 6.91 -16.15 11.25
CA THR A 116 6.41 -15.10 10.37
C THR A 116 7.26 -13.85 10.59
N PHE A 117 7.94 -13.40 9.54
CA PHE A 117 8.71 -12.17 9.64
C PHE A 117 7.78 -11.00 9.96
N ALA A 118 8.34 -9.98 10.59
CA ALA A 118 7.57 -8.77 10.90
C ALA A 118 7.40 -7.91 9.64
N PHE A 119 8.11 -8.29 8.58
CA PHE A 119 8.13 -7.55 7.32
C PHE A 119 7.58 -8.38 6.16
N GLY A 120 7.11 -7.69 5.12
CA GLY A 120 6.59 -8.35 3.93
C GLY A 120 7.68 -8.69 2.94
N GLY A 121 7.29 -9.14 1.76
CA GLY A 121 8.24 -9.58 0.75
C GLY A 121 8.42 -8.68 -0.46
N ASN A 122 7.91 -7.45 -0.39
CA ASN A 122 8.07 -6.50 -1.50
C ASN A 122 9.49 -5.94 -1.61
N TYR A 123 9.92 -5.63 -2.84
CA TYR A 123 11.27 -5.14 -3.09
C TYR A 123 11.71 -3.98 -2.20
N ASP A 124 10.87 -2.95 -2.10
CA ASP A 124 11.22 -1.77 -1.32
C ASP A 124 11.65 -2.14 0.10
N ARG A 125 10.78 -2.86 0.81
CA ARG A 125 11.10 -3.34 2.15
C ARG A 125 12.37 -4.19 2.14
N LEU A 126 12.44 -5.14 1.21
CA LEU A 126 13.60 -6.03 1.10
C LEU A 126 14.87 -5.26 0.80
N GLU A 127 14.73 -4.15 0.08
CA GLU A 127 15.89 -3.34 -0.27
C GLU A 127 16.39 -2.60 0.96
N GLN A 128 15.47 -2.15 1.80
CA GLN A 128 15.84 -1.44 3.02
C GLN A 128 16.55 -2.38 3.99
N LEU A 129 16.09 -3.63 4.05
CA LEU A 129 16.65 -4.63 4.93
C LEU A 129 18.04 -5.05 4.48
N ALA A 130 18.20 -5.22 3.17
CA ALA A 130 19.47 -5.66 2.61
C ALA A 130 20.51 -4.54 2.71
N GLY A 131 20.05 -3.30 2.64
CA GLY A 131 20.95 -2.15 2.64
C GLY A 131 21.47 -1.93 1.24
N ASN A 132 20.79 -2.54 0.28
CA ASN A 132 21.15 -2.41 -1.12
C ASN A 132 19.93 -2.45 -2.05
N LEU A 133 19.98 -1.63 -3.10
CA LEU A 133 18.96 -1.60 -4.16
C LEU A 133 19.21 -2.73 -5.16
N ARG A 134 18.15 -3.16 -5.85
CA ARG A 134 18.27 -4.18 -6.90
C ARG A 134 19.37 -3.87 -7.93
N GLU A 135 19.53 -2.60 -8.29
CA GLU A 135 20.55 -2.23 -9.27
C GLU A 135 21.97 -2.50 -8.78
N ASN A 136 22.17 -2.55 -7.47
CA ASN A 136 23.48 -2.88 -6.91
C ASN A 136 23.65 -4.33 -6.45
N ILE A 137 22.61 -5.15 -6.66
CA ILE A 137 22.66 -6.55 -6.25
C ILE A 137 22.76 -7.50 -7.43
N GLU A 138 23.85 -8.28 -7.46
CA GLU A 138 24.16 -9.14 -8.59
C GLU A 138 23.28 -10.38 -8.72
N LEU A 139 23.07 -10.82 -9.96
CA LEU A 139 22.27 -12.00 -10.27
C LEU A 139 23.08 -12.96 -11.14
N GLY A 140 22.89 -14.26 -10.92
CA GLY A 140 23.64 -15.28 -11.62
C GLY A 140 23.65 -16.57 -10.83
N ASN A 141 24.28 -17.60 -11.39
CA ASN A 141 24.35 -18.90 -10.72
C ASN A 141 25.13 -18.79 -9.41
N GLY A 142 26.17 -17.96 -9.41
CA GLY A 142 26.95 -17.73 -8.21
C GLY A 142 26.12 -17.20 -7.05
N PRO A 143 25.45 -16.07 -7.24
CA PRO A 143 24.57 -15.47 -6.22
C PRO A 143 23.46 -16.42 -5.76
N LEU A 144 22.76 -17.03 -6.71
CA LEU A 144 21.72 -17.99 -6.40
C LEU A 144 22.31 -19.10 -5.54
N GLU A 145 23.46 -19.61 -5.95
CA GLU A 145 24.20 -20.61 -5.19
C GLU A 145 24.45 -20.08 -3.78
N GLU A 146 24.83 -18.80 -3.70
CA GLU A 146 25.08 -18.15 -2.42
C GLU A 146 23.78 -17.94 -1.64
N ALA A 147 22.72 -17.56 -2.34
CA ALA A 147 21.44 -17.29 -1.70
C ALA A 147 20.89 -18.57 -1.07
N ILE A 148 20.98 -19.68 -1.81
CA ILE A 148 20.53 -20.97 -1.30
C ILE A 148 21.21 -21.27 0.02
N SER A 149 22.53 -21.13 0.04
CA SER A 149 23.34 -21.38 1.23
C SER A 149 22.92 -20.51 2.41
N ALA A 150 22.68 -19.23 2.15
CA ALA A 150 22.30 -18.31 3.21
C ALA A 150 20.93 -18.62 3.79
N LEU A 151 19.99 -19.05 2.94
CA LEU A 151 18.65 -19.39 3.41
C LEU A 151 18.72 -20.54 4.39
N TYR A 152 19.51 -21.54 4.04
CA TYR A 152 19.64 -22.74 4.85
C TYR A 152 20.22 -22.41 6.23
N TYR A 153 21.27 -21.59 6.23
CA TYR A 153 22.02 -21.30 7.45
C TYR A 153 21.35 -20.29 8.37
N TYR A 154 20.27 -19.68 7.91
CA TYR A 154 19.53 -18.73 8.75
C TYR A 154 18.95 -19.41 9.98
N SER A 155 18.51 -20.65 9.84
CA SER A 155 18.06 -21.43 10.99
C SER A 155 19.28 -21.71 11.86
N THR A 156 20.39 -21.97 11.20
CA THR A 156 21.66 -22.23 11.86
C THR A 156 22.05 -21.07 12.76
N GLY A 157 21.71 -19.86 12.34
CA GLY A 157 22.21 -18.68 13.01
C GLY A 157 23.42 -18.18 12.25
N GLY A 158 23.58 -18.70 11.05
CA GLY A 158 24.73 -18.36 10.22
C GLY A 158 24.45 -17.38 9.11
N THR A 159 23.30 -16.71 9.16
CA THR A 159 22.98 -15.71 8.14
C THR A 159 22.46 -14.40 8.73
N GLN A 160 23.14 -13.30 8.42
CA GLN A 160 22.69 -12.00 8.89
C GLN A 160 21.43 -11.56 8.15
N LEU A 161 20.53 -10.89 8.86
CA LEU A 161 19.27 -10.45 8.27
C LEU A 161 19.46 -9.77 6.91
N PRO A 162 20.41 -8.83 6.82
CA PRO A 162 20.62 -8.17 5.52
C PRO A 162 20.96 -9.18 4.42
N THR A 163 21.77 -10.18 4.77
CA THR A 163 22.12 -11.24 3.83
C THR A 163 20.90 -12.05 3.41
N LEU A 164 19.97 -12.24 4.34
CA LEU A 164 18.75 -13.00 4.07
C LEU A 164 17.85 -12.22 3.12
N ALA A 165 17.74 -10.92 3.35
CA ALA A 165 17.01 -10.05 2.46
C ALA A 165 17.67 -10.05 1.08
N ARG A 166 19.00 -9.99 1.07
CA ARG A 166 19.73 -9.97 -0.20
C ARG A 166 19.43 -11.23 -1.00
N SER A 167 19.43 -12.37 -0.30
CA SER A 167 19.17 -13.67 -0.91
C SER A 167 17.75 -13.79 -1.45
N PHE A 168 16.80 -13.12 -0.80
CA PHE A 168 15.41 -13.13 -1.26
C PHE A 168 15.27 -12.39 -2.58
N ILE A 169 15.82 -11.19 -2.63
CA ILE A 169 15.85 -10.41 -3.86
C ILE A 169 16.45 -11.24 -4.99
N ILE A 170 17.55 -11.94 -4.70
CA ILE A 170 18.15 -12.86 -5.65
C ILE A 170 17.16 -13.91 -6.14
N CYS A 171 16.70 -14.74 -5.20
CA CYS A 171 15.80 -15.85 -5.50
C CYS A 171 14.55 -15.41 -6.24
N ILE A 172 13.91 -14.36 -5.73
CA ILE A 172 12.66 -13.86 -6.29
C ILE A 172 12.80 -13.45 -7.75
N GLN A 173 13.86 -12.71 -8.08
CA GLN A 173 14.08 -12.26 -9.44
C GLN A 173 14.45 -13.41 -10.37
N MET A 174 15.30 -14.30 -9.87
CA MET A 174 15.83 -15.41 -10.67
C MET A 174 14.79 -16.51 -10.89
N ILE A 175 13.65 -16.40 -10.21
CA ILE A 175 12.64 -17.44 -10.30
C ILE A 175 11.26 -16.86 -10.67
N SER A 176 10.70 -16.04 -9.78
CA SER A 176 9.38 -15.45 -10.01
C SER A 176 9.37 -14.54 -11.23
N GLU A 177 10.30 -13.58 -11.26
CA GLU A 177 10.36 -12.62 -12.35
C GLU A 177 10.77 -13.30 -13.67
N ALA A 178 11.65 -14.29 -13.59
CA ALA A 178 12.02 -15.07 -14.76
C ALA A 178 10.79 -15.77 -15.33
N ALA A 179 9.93 -16.26 -14.44
CA ALA A 179 8.70 -16.94 -14.83
C ALA A 179 7.71 -15.97 -15.45
N ARG A 180 7.62 -14.78 -14.86
CA ARG A 180 6.72 -13.74 -15.37
C ARG A 180 7.21 -13.19 -16.71
N PHE A 181 8.52 -13.06 -16.86
CA PHE A 181 9.10 -12.40 -18.02
C PHE A 181 10.10 -13.26 -18.77
N GLN A 182 9.76 -13.62 -20.01
CA GLN A 182 10.70 -14.32 -20.87
C GLN A 182 11.97 -13.48 -21.04
N TYR A 183 11.79 -12.17 -21.09
CA TYR A 183 12.92 -11.24 -21.21
C TYR A 183 13.87 -11.37 -20.03
N ILE A 184 13.30 -11.34 -18.83
CA ILE A 184 14.08 -11.46 -17.61
C ILE A 184 14.74 -12.84 -17.55
N GLU A 185 13.97 -13.87 -17.89
CA GLU A 185 14.50 -15.21 -18.04
C GLU A 185 15.68 -15.21 -19.01
N GLY A 186 15.51 -14.50 -20.11
CA GLY A 186 16.55 -14.39 -21.12
C GLY A 186 17.79 -13.68 -20.61
N GLU A 187 17.61 -12.78 -19.64
CA GLU A 187 18.73 -12.04 -19.06
C GLU A 187 19.51 -12.92 -18.08
N MET A 188 18.82 -13.88 -17.49
CA MET A 188 19.46 -14.84 -16.58
C MET A 188 20.22 -15.92 -17.36
N ARG A 189 19.64 -16.38 -18.47
CA ARG A 189 20.32 -17.31 -19.38
C ARG A 189 21.66 -16.73 -19.82
N THR A 190 21.68 -15.43 -20.10
CA THR A 190 22.89 -14.76 -20.57
C THR A 190 24.01 -14.80 -19.52
N ARG A 191 23.63 -14.63 -18.25
CA ARG A 191 24.60 -14.74 -17.17
C ARG A 191 25.20 -16.14 -17.13
N ILE A 192 24.35 -17.14 -17.36
CA ILE A 192 24.77 -18.53 -17.33
C ILE A 192 25.62 -18.90 -18.54
N ARG A 193 25.27 -18.38 -19.71
CA ARG A 193 26.04 -18.63 -20.92
C ARG A 193 27.49 -18.18 -20.71
N TYR A 194 27.63 -16.98 -20.15
CA TYR A 194 28.93 -16.34 -20.01
C TYR A 194 29.56 -16.57 -18.63
N ASN A 195 28.85 -17.24 -17.73
CA ASN A 195 29.35 -17.48 -16.39
C ASN A 195 29.66 -16.15 -15.70
N ARG A 196 28.72 -15.21 -15.82
CA ARG A 196 28.87 -13.88 -15.26
C ARG A 196 27.87 -13.61 -14.15
N ARG A 197 28.27 -12.78 -13.19
CA ARG A 197 27.32 -12.24 -12.22
C ARG A 197 27.11 -10.80 -12.64
N SER A 198 25.87 -10.36 -12.76
CA SER A 198 25.66 -8.96 -13.02
C SER A 198 24.37 -8.49 -12.37
N ALA A 199 24.41 -7.29 -11.79
CA ALA A 199 23.19 -6.71 -11.24
C ALA A 199 22.31 -6.37 -12.43
N PRO A 200 20.99 -6.45 -12.25
CA PRO A 200 20.07 -6.22 -13.37
C PRO A 200 20.02 -4.75 -13.75
N ASP A 201 19.77 -4.48 -15.03
CA ASP A 201 19.73 -3.11 -15.53
C ASP A 201 18.32 -2.52 -15.45
N PRO A 202 18.18 -1.24 -15.83
CA PRO A 202 16.88 -0.57 -15.83
C PRO A 202 15.82 -1.28 -16.65
N SER A 203 16.20 -1.89 -17.77
CA SER A 203 15.23 -2.63 -18.59
C SER A 203 14.58 -3.78 -17.79
N VAL A 204 15.37 -4.45 -16.95
CA VAL A 204 14.86 -5.57 -16.15
C VAL A 204 14.06 -5.08 -14.95
N ILE A 205 14.57 -4.04 -14.30
CA ILE A 205 13.99 -3.50 -13.09
C ILE A 205 12.62 -2.87 -13.28
N THR A 206 12.43 -2.13 -14.36
CA THR A 206 11.13 -1.50 -14.61
C THR A 206 10.09 -2.50 -15.09
N LEU A 207 10.54 -3.63 -15.61
CA LEU A 207 9.63 -4.74 -15.93
C LEU A 207 9.04 -5.29 -14.64
N GLU A 208 9.91 -5.51 -13.65
CA GLU A 208 9.48 -5.98 -12.35
C GLU A 208 8.49 -5.01 -11.72
N ASN A 209 8.78 -3.73 -11.83
CA ASN A 209 7.94 -2.70 -11.23
C ASN A 209 6.61 -2.49 -11.96
N SER A 210 6.60 -2.73 -13.27
CA SER A 210 5.42 -2.48 -14.09
C SER A 210 4.53 -3.71 -14.31
N TRP A 211 4.95 -4.87 -13.80
CA TRP A 211 4.25 -6.12 -14.11
C TRP A 211 2.74 -6.02 -13.90
N GLY A 212 2.32 -5.55 -12.72
CA GLY A 212 0.91 -5.38 -12.44
C GLY A 212 0.21 -4.48 -13.44
N ARG A 213 0.87 -3.37 -13.79
CA ARG A 213 0.30 -2.40 -14.73
C ARG A 213 0.07 -3.01 -16.11
N LEU A 214 1.03 -3.81 -16.57
CA LEU A 214 0.96 -4.39 -17.91
C LEU A 214 -0.18 -5.40 -18.01
N SER A 215 -0.30 -6.25 -17.01
CA SER A 215 -1.38 -7.24 -16.98
C SER A 215 -2.72 -6.52 -17.14
N THR A 216 -2.88 -5.44 -16.39
CA THR A 216 -4.09 -4.61 -16.43
C THR A 216 -4.30 -3.98 -17.81
N ALA A 217 -3.26 -3.33 -18.34
CA ALA A 217 -3.34 -2.68 -19.65
C ALA A 217 -3.68 -3.70 -20.75
N ILE A 218 -3.13 -4.90 -20.65
CA ILE A 218 -3.39 -5.95 -21.63
C ILE A 218 -4.82 -6.49 -21.53
N GLN A 219 -5.27 -6.74 -20.31
CA GLN A 219 -6.62 -7.29 -20.10
C GLN A 219 -7.74 -6.26 -20.33
N GLU A 220 -7.42 -4.98 -20.15
CA GLU A 220 -8.41 -3.92 -20.41
C GLU A 220 -8.30 -3.36 -21.82
N SER A 221 -7.31 -3.83 -22.58
CA SER A 221 -7.04 -3.30 -23.91
C SER A 221 -8.20 -3.49 -24.88
N ASN A 222 -8.37 -2.52 -25.78
CA ASN A 222 -9.37 -2.64 -26.84
C ASN A 222 -8.71 -3.23 -28.08
N GLN A 223 -9.05 -4.47 -28.39
CA GLN A 223 -8.44 -5.21 -29.49
C GLN A 223 -6.91 -5.07 -29.49
N GLY A 224 -6.32 -5.09 -28.29
CA GLY A 224 -4.88 -5.00 -28.16
C GLY A 224 -4.33 -3.61 -27.89
N ALA A 225 -5.11 -2.57 -28.18
CA ALA A 225 -4.65 -1.19 -28.04
C ALA A 225 -4.84 -0.62 -26.64
N PHE A 226 -3.82 0.07 -26.13
CA PHE A 226 -3.89 0.75 -24.85
C PHE A 226 -4.62 2.09 -24.96
N ALA A 227 -5.27 2.49 -23.86
CA ALA A 227 -5.83 3.83 -23.79
C ALA A 227 -4.68 4.81 -23.65
N SER A 228 -3.77 4.49 -22.72
CA SER A 228 -2.56 5.26 -22.50
C SER A 228 -1.33 4.35 -22.58
N PRO A 229 -0.22 4.87 -23.13
CA PRO A 229 1.01 4.10 -23.22
C PRO A 229 1.63 3.86 -21.85
N ILE A 230 2.50 2.86 -21.74
CA ILE A 230 3.23 2.59 -20.51
C ILE A 230 4.70 2.82 -20.78
N GLN A 231 5.38 3.51 -19.86
CA GLN A 231 6.79 3.81 -20.07
C GLN A 231 7.68 2.70 -19.53
N LEU A 232 8.65 2.30 -20.35
CA LEU A 232 9.65 1.32 -19.94
C LEU A 232 11.03 1.89 -20.26
N GLN A 233 12.08 1.17 -19.89
CA GLN A 233 13.44 1.63 -20.16
C GLN A 233 14.18 0.66 -21.05
N ARG A 234 15.08 1.19 -21.88
CA ARG A 234 16.09 0.41 -22.58
C ARG A 234 17.14 -0.03 -21.56
N ARG A 235 17.95 -1.03 -21.91
CA ARG A 235 19.04 -1.44 -21.02
C ARG A 235 19.89 -0.25 -20.60
N ASN A 236 19.93 0.79 -21.43
CA ASN A 236 20.73 1.97 -21.12
C ASN A 236 20.01 2.96 -20.21
N GLY A 237 18.79 2.61 -19.82
CA GLY A 237 18.02 3.44 -18.92
C GLY A 237 17.18 4.49 -19.62
N SER A 238 17.33 4.62 -20.94
CA SER A 238 16.52 5.55 -21.70
C SER A 238 15.09 5.05 -21.80
N LYS A 239 14.12 5.96 -21.69
CA LYS A 239 12.71 5.57 -21.68
C LYS A 239 12.21 5.22 -23.07
N PHE A 240 11.17 4.40 -23.12
CA PHE A 240 10.40 4.18 -24.35
C PHE A 240 8.99 3.72 -24.00
N SER A 241 8.04 3.94 -24.92
CA SER A 241 6.64 3.68 -24.61
C SER A 241 6.05 2.48 -25.33
N VAL A 242 5.22 1.72 -24.62
CA VAL A 242 4.45 0.63 -25.22
C VAL A 242 2.96 1.01 -25.31
N TYR A 243 2.48 1.11 -26.56
CA TYR A 243 1.11 1.57 -26.83
C TYR A 243 0.11 0.43 -27.03
N ASP A 244 0.60 -0.81 -26.96
CA ASP A 244 -0.22 -1.94 -27.38
C ASP A 244 0.33 -3.30 -26.93
N VAL A 245 -0.41 -4.34 -27.30
CA VAL A 245 -0.12 -5.68 -26.83
C VAL A 245 0.98 -6.38 -27.61
N SER A 246 1.00 -6.19 -28.93
CA SER A 246 1.94 -6.90 -29.80
C SER A 246 3.39 -6.81 -29.31
N ILE A 247 3.79 -5.65 -28.79
CA ILE A 247 5.17 -5.44 -28.36
C ILE A 247 5.54 -6.17 -27.08
N LEU A 248 4.54 -6.53 -26.29
CA LEU A 248 4.77 -7.18 -25.00
C LEU A 248 4.82 -8.71 -25.07
N ILE A 249 4.40 -9.29 -26.19
CA ILE A 249 4.26 -10.74 -26.29
C ILE A 249 5.58 -11.51 -26.11
N PRO A 250 6.66 -11.05 -26.77
CA PRO A 250 7.98 -11.65 -26.56
C PRO A 250 8.54 -11.35 -25.16
N ILE A 251 7.93 -10.38 -24.48
CA ILE A 251 8.45 -9.88 -23.21
C ILE A 251 7.88 -10.58 -21.97
N ILE A 252 6.58 -10.43 -21.74
CA ILE A 252 5.94 -10.98 -20.53
C ILE A 252 5.31 -12.35 -20.74
N ALA A 253 5.73 -13.32 -19.92
CA ALA A 253 5.21 -14.68 -20.01
C ALA A 253 3.87 -14.92 -19.31
N LEU A 254 3.70 -14.35 -18.10
CA LEU A 254 2.48 -14.56 -17.31
C LEU A 254 1.84 -13.25 -16.86
N MET A 255 0.50 -13.23 -16.81
CA MET A 255 -0.23 -12.06 -16.35
C MET A 255 -1.05 -12.37 -15.09
N VAL A 256 -1.06 -11.44 -14.15
CA VAL A 256 -1.96 -11.56 -13.01
C VAL A 256 -3.40 -11.38 -13.48
N TYR A 257 -4.33 -12.09 -12.84
CA TYR A 257 -5.73 -12.02 -13.23
C TYR A 257 -6.33 -10.66 -12.86
N ARG A 258 -6.87 -9.96 -13.87
CA ARG A 258 -7.53 -8.68 -13.64
C ARG A 258 -9.04 -8.74 -13.90
N CYS A 259 -9.41 -9.04 -15.14
CA CYS A 259 -10.82 -9.15 -15.48
C CYS A 259 -11.11 -10.51 -16.08
N ALA A 260 -12.39 -10.89 -16.10
CA ALA A 260 -12.79 -12.15 -16.71
C ALA A 260 -12.77 -11.99 -18.22
N PRO A 261 -12.49 -13.08 -18.94
CA PRO A 261 -12.44 -13.03 -20.40
C PRO A 261 -13.84 -12.93 -21.02
N GLN B 1 17.78 -21.57 17.45
CA GLN B 1 16.35 -21.84 17.54
C GLN B 1 15.69 -20.98 18.60
N VAL B 2 14.78 -20.10 18.18
CA VAL B 2 14.05 -19.27 19.13
C VAL B 2 12.71 -19.90 19.51
N GLN B 3 12.36 -19.84 20.79
CA GLN B 3 11.13 -20.43 21.28
C GLN B 3 10.38 -19.41 22.16
N LEU B 4 9.12 -19.67 22.44
CA LEU B 4 8.30 -18.73 23.20
C LEU B 4 7.61 -19.39 24.40
N VAL B 5 7.71 -18.74 25.56
CA VAL B 5 7.02 -19.20 26.76
C VAL B 5 6.04 -18.13 27.27
N GLU B 6 4.76 -18.47 27.35
CA GLU B 6 3.74 -17.53 27.83
C GLU B 6 3.73 -17.46 29.36
N THR B 7 3.39 -16.29 29.89
CA THR B 7 3.32 -16.08 31.35
C THR B 7 2.37 -14.93 31.69
N GLY B 8 1.97 -14.85 32.96
CA GLY B 8 1.12 -13.76 33.41
C GLY B 8 -0.33 -14.16 33.65
N GLY B 9 -0.69 -15.38 33.25
CA GLY B 9 -2.08 -15.80 33.39
C GLY B 9 -2.53 -15.71 34.83
N GLY B 10 -3.83 -15.52 35.04
CA GLY B 10 -4.40 -15.62 36.37
C GLY B 10 -5.92 -15.54 36.43
N LEU B 11 -6.44 -15.43 37.65
CA LEU B 11 -7.87 -15.25 37.88
C LEU B 11 -8.15 -13.78 38.18
N VAL B 12 -9.14 -13.21 37.52
CA VAL B 12 -9.38 -11.79 37.63
C VAL B 12 -10.87 -11.50 37.77
N GLN B 13 -11.21 -10.26 38.12
CA GLN B 13 -12.60 -9.86 38.25
C GLN B 13 -12.95 -8.83 37.18
N PRO B 14 -14.23 -8.77 36.79
CA PRO B 14 -14.66 -7.90 35.69
C PRO B 14 -14.12 -6.47 35.84
N GLY B 15 -13.57 -5.91 34.76
CA GLY B 15 -13.00 -4.58 34.79
C GLY B 15 -11.52 -4.57 35.19
N GLY B 16 -11.01 -5.72 35.61
CA GLY B 16 -9.63 -5.82 36.04
C GLY B 16 -8.62 -5.88 34.91
N SER B 17 -7.34 -5.86 35.27
CA SER B 17 -6.24 -5.90 34.31
C SER B 17 -5.33 -7.09 34.59
N LEU B 18 -4.55 -7.48 33.60
CA LEU B 18 -3.54 -8.52 33.75
C LEU B 18 -2.48 -8.34 32.68
N THR B 19 -1.28 -8.87 32.92
CA THR B 19 -0.16 -8.68 31.99
C THR B 19 0.49 -10.01 31.61
N LEU B 20 0.48 -10.31 30.31
CA LEU B 20 1.02 -11.56 29.79
C LEU B 20 2.37 -11.34 29.11
N SER B 21 3.25 -12.33 29.22
CA SER B 21 4.59 -12.20 28.66
C SER B 21 4.89 -13.31 27.67
N CYS B 22 5.34 -12.94 26.47
CA CYS B 22 5.86 -13.91 25.53
C CYS B 22 7.37 -13.76 25.44
N ALA B 23 8.11 -14.70 26.02
CA ALA B 23 9.56 -14.57 26.14
C ALA B 23 10.34 -15.44 25.15
N GLY B 24 11.17 -14.80 24.34
CA GLY B 24 12.03 -15.52 23.41
C GLY B 24 13.33 -15.94 24.07
N SER B 25 13.88 -17.07 23.63
CA SER B 25 15.09 -17.63 24.25
C SER B 25 16.29 -17.67 23.32
N GLY B 26 16.25 -18.56 22.33
CA GLY B 26 17.43 -18.92 21.58
C GLY B 26 17.81 -17.96 20.48
N GLY B 27 17.30 -16.73 20.55
CA GLY B 27 17.62 -15.73 19.55
C GLY B 27 16.72 -14.53 19.67
N THR B 28 16.93 -13.54 18.80
CA THR B 28 16.03 -12.39 18.77
C THR B 28 14.74 -12.73 18.06
N LEU B 29 13.63 -12.28 18.62
CA LEU B 29 12.36 -12.27 17.91
C LEU B 29 12.14 -10.88 17.29
N GLU B 30 13.17 -10.04 17.39
CA GLU B 30 13.11 -8.64 16.96
C GLU B 30 12.49 -8.46 15.58
N HIS B 31 12.94 -9.23 14.60
CA HIS B 31 12.40 -9.11 13.25
C HIS B 31 11.28 -10.09 12.96
N TYR B 32 10.85 -10.83 13.97
CA TYR B 32 9.72 -11.73 13.82
C TYR B 32 8.43 -11.05 14.28
N ALA B 33 7.34 -11.32 13.57
CA ALA B 33 6.03 -10.88 14.02
C ALA B 33 5.58 -11.84 15.10
N ILE B 34 4.88 -11.32 16.11
CA ILE B 34 4.35 -12.18 17.17
C ILE B 34 2.86 -11.95 17.36
N GLY B 35 2.08 -13.00 17.12
CA GLY B 35 0.65 -12.96 17.36
C GLY B 35 0.24 -13.54 18.70
N TRP B 36 -0.91 -13.10 19.18
CA TRP B 36 -1.52 -13.63 20.39
C TRP B 36 -2.88 -14.23 20.05
N PHE B 37 -3.11 -15.45 20.50
CA PHE B 37 -4.38 -16.12 20.25
C PHE B 37 -4.95 -16.56 21.59
N ARG B 38 -6.24 -16.86 21.62
CA ARG B 38 -6.83 -17.42 22.83
C ARG B 38 -7.87 -18.46 22.43
N GLN B 39 -8.01 -19.48 23.26
CA GLN B 39 -9.06 -20.47 23.05
C GLN B 39 -9.92 -20.60 24.28
N ALA B 40 -11.23 -20.66 24.07
CA ALA B 40 -12.18 -20.83 25.15
C ALA B 40 -12.82 -22.20 24.95
N PRO B 41 -13.26 -22.84 26.05
CA PRO B 41 -13.78 -24.21 26.02
C PRO B 41 -14.92 -24.38 25.02
N GLY B 42 -14.85 -25.45 24.22
CA GLY B 42 -15.87 -25.74 23.22
C GLY B 42 -15.83 -24.76 22.06
N LYS B 43 -14.78 -23.95 22.01
CA LYS B 43 -14.63 -22.95 20.95
C LYS B 43 -13.26 -23.06 20.30
N GLU B 44 -13.17 -22.69 19.03
CA GLU B 44 -11.91 -22.68 18.30
C GLU B 44 -11.01 -21.50 18.67
N HIS B 45 -9.71 -21.63 18.40
CA HIS B 45 -8.77 -20.55 18.64
C HIS B 45 -9.22 -19.29 17.91
N GLU B 46 -9.02 -18.14 18.54
CA GLU B 46 -9.33 -16.87 17.91
C GLU B 46 -8.14 -15.91 18.01
N TRP B 47 -7.89 -15.16 16.95
CA TRP B 47 -6.77 -14.23 16.90
C TRP B 47 -7.06 -12.93 17.67
N LEU B 48 -6.06 -12.44 18.38
CA LEU B 48 -6.21 -11.24 19.21
C LEU B 48 -5.39 -10.06 18.66
N VAL B 49 -4.07 -10.23 18.63
CA VAL B 49 -3.18 -9.16 18.24
C VAL B 49 -2.12 -9.61 17.24
N CYS B 50 -1.70 -8.69 16.39
CA CYS B 50 -0.53 -8.91 15.57
C CYS B 50 0.49 -7.82 15.87
N ASN B 51 1.60 -8.22 16.48
CA ASN B 51 2.67 -7.28 16.80
C ASN B 51 3.83 -7.45 15.83
N ARG B 52 4.09 -6.40 15.06
CA ARG B 52 5.16 -6.41 14.08
C ARG B 52 6.22 -5.43 14.56
N GLY B 53 7.49 -5.80 14.44
CA GLY B 53 8.56 -4.92 14.86
C GLY B 53 8.29 -4.36 16.25
N GLU B 54 8.54 -3.06 16.46
CA GLU B 54 9.09 -2.15 15.47
C GLU B 54 8.34 -2.21 14.16
N TYR B 55 9.09 -2.19 13.05
CA TYR B 55 8.56 -2.57 11.74
C TYR B 55 7.16 -2.02 11.51
N GLY B 56 6.23 -2.93 11.23
CA GLY B 56 4.85 -2.54 11.00
C GLY B 56 4.13 -2.08 12.25
N SER B 57 3.00 -1.41 12.07
CA SER B 57 2.16 -1.03 13.19
C SER B 57 1.43 -2.25 13.75
N THR B 58 1.01 -2.17 15.01
CA THR B 58 0.38 -3.30 15.68
C THR B 58 -1.13 -3.38 15.42
N VAL B 59 -1.59 -4.58 15.05
CA VAL B 59 -2.99 -4.80 14.69
C VAL B 59 -3.77 -5.56 15.76
N TYR B 60 -4.94 -5.03 16.12
CA TYR B 60 -5.81 -5.67 17.11
C TYR B 60 -7.13 -6.05 16.46
N VAL B 61 -7.72 -7.15 16.92
CA VAL B 61 -9.08 -7.47 16.51
C VAL B 61 -10.03 -6.48 17.20
N ASP B 62 -11.05 -6.03 16.48
CA ASP B 62 -11.91 -4.94 16.96
C ASP B 62 -12.43 -5.11 18.41
N SER B 63 -12.78 -6.34 18.80
CA SER B 63 -13.37 -6.59 20.11
C SER B 63 -12.43 -6.28 21.27
N VAL B 64 -11.14 -6.48 21.04
CA VAL B 64 -10.12 -6.17 22.04
C VAL B 64 -9.48 -4.79 21.83
N LYS B 65 -9.92 -4.07 20.80
CA LYS B 65 -9.28 -2.81 20.43
C LYS B 65 -9.49 -1.71 21.48
N GLY B 66 -8.38 -1.15 21.96
CA GLY B 66 -8.40 -0.13 23.00
C GLY B 66 -8.47 -0.72 24.39
N ARG B 67 -8.92 -1.97 24.48
CA ARG B 67 -8.89 -2.72 25.72
C ARG B 67 -7.52 -3.38 25.93
N PHE B 68 -6.99 -3.98 24.86
CA PHE B 68 -5.74 -4.73 24.95
C PHE B 68 -4.58 -3.98 24.32
N THR B 69 -3.40 -4.13 24.92
CA THR B 69 -2.22 -3.40 24.49
C THR B 69 -1.01 -4.31 24.37
N ALA B 70 -0.33 -4.22 23.23
CA ALA B 70 0.90 -4.97 22.99
C ALA B 70 2.11 -4.03 23.04
N SER B 71 3.24 -4.57 23.49
CA SER B 71 4.49 -3.80 23.53
C SER B 71 5.67 -4.75 23.49
N ARG B 72 6.85 -4.22 23.19
CA ARG B 72 8.06 -5.05 23.15
C ARG B 72 9.17 -4.43 23.97
N ASP B 73 9.88 -5.25 24.72
CA ASP B 73 11.15 -4.81 25.27
C ASP B 73 12.24 -5.60 24.56
N ASN B 74 12.99 -4.90 23.71
CA ASN B 74 14.10 -5.51 23.01
C ASN B 74 15.27 -5.65 23.97
N ALA B 75 16.01 -6.74 23.83
CA ALA B 75 17.04 -7.12 24.81
C ALA B 75 16.43 -7.76 26.06
N LYS B 76 15.13 -7.56 26.27
CA LYS B 76 14.41 -8.39 27.21
C LYS B 76 13.83 -9.48 26.36
N ASN B 77 13.92 -9.24 25.05
CA ASN B 77 13.44 -10.16 24.04
C ASN B 77 12.05 -10.71 24.34
N THR B 78 11.13 -9.83 24.75
CA THR B 78 9.80 -10.26 25.14
C THR B 78 8.71 -9.38 24.53
N VAL B 79 7.63 -10.01 24.10
CA VAL B 79 6.43 -9.31 23.68
C VAL B 79 5.40 -9.38 24.81
N TYR B 80 4.83 -8.23 25.15
CA TYR B 80 3.87 -8.17 26.24
C TYR B 80 2.46 -8.01 25.71
N LEU B 81 1.49 -8.57 26.43
CA LEU B 81 0.11 -8.20 26.21
C LEU B 81 -0.50 -7.77 27.53
N GLN B 82 -0.82 -6.49 27.63
CA GLN B 82 -1.47 -5.96 28.82
C GLN B 82 -2.96 -5.99 28.61
N LEU B 83 -3.65 -6.83 29.39
CA LEU B 83 -5.10 -6.94 29.29
C LEU B 83 -5.75 -5.94 30.23
N ASN B 84 -6.76 -5.22 29.72
CA ASN B 84 -7.51 -4.27 30.54
C ASN B 84 -9.01 -4.40 30.33
N SER B 85 -9.78 -4.00 31.33
CA SER B 85 -11.24 -4.10 31.28
C SER B 85 -11.66 -5.47 30.78
N LEU B 86 -11.32 -6.51 31.53
CA LEU B 86 -11.61 -7.89 31.13
C LEU B 86 -13.04 -8.30 31.48
N LYS B 87 -13.66 -9.05 30.56
CA LYS B 87 -15.01 -9.55 30.79
C LYS B 87 -14.95 -11.08 30.82
N PRO B 88 -15.95 -11.72 31.46
CA PRO B 88 -16.00 -13.19 31.55
C PRO B 88 -15.88 -13.86 30.18
N ASP B 89 -16.24 -13.15 29.12
CA ASP B 89 -16.09 -13.70 27.78
C ASP B 89 -14.66 -13.52 27.24
N ASP B 90 -13.78 -12.95 28.06
CA ASP B 90 -12.35 -12.94 27.72
C ASP B 90 -11.66 -14.17 28.31
N THR B 91 -12.46 -15.05 28.91
CA THR B 91 -11.97 -16.29 29.49
C THR B 91 -11.33 -17.19 28.44
N GLY B 92 -10.28 -17.91 28.83
CA GLY B 92 -9.62 -18.83 27.92
C GLY B 92 -8.12 -18.98 28.16
N ILE B 93 -7.49 -19.83 27.36
CA ILE B 93 -6.04 -19.96 27.38
C ILE B 93 -5.44 -19.03 26.34
N TYR B 94 -4.40 -18.30 26.71
CA TYR B 94 -3.78 -17.35 25.79
C TYR B 94 -2.44 -17.85 25.25
N TYR B 95 -2.33 -17.89 23.93
CA TYR B 95 -1.12 -18.36 23.26
C TYR B 95 -0.43 -17.25 22.48
N CYS B 96 0.90 -17.31 22.47
CA CYS B 96 1.67 -16.41 21.62
C CYS B 96 2.44 -17.23 20.58
N VAL B 97 2.42 -16.78 19.34
CA VAL B 97 3.16 -17.47 18.30
C VAL B 97 3.77 -16.45 17.37
N SER B 98 4.58 -16.91 16.42
CA SER B 98 5.04 -15.99 15.42
C SER B 98 4.15 -16.29 14.23
N GLY B 99 3.20 -15.38 14.03
CA GLY B 99 2.17 -15.52 13.02
C GLY B 99 1.01 -14.61 13.37
N CYS B 100 0.11 -14.37 12.42
CA CYS B 100 -0.98 -13.41 12.62
C CYS B 100 -2.28 -13.76 11.88
N TYR B 101 -3.39 -13.50 12.57
CA TYR B 101 -4.75 -13.53 12.04
C TYR B 101 -5.23 -14.95 11.76
N SER B 102 -4.28 -15.86 11.56
CA SER B 102 -4.63 -17.26 11.40
C SER B 102 -3.48 -18.08 11.93
N TRP B 103 -3.79 -19.14 12.68
CA TRP B 103 -2.76 -20.05 13.11
C TRP B 103 -3.20 -21.52 13.24
N ARG B 104 -2.38 -22.36 12.62
CA ARG B 104 -2.12 -23.72 13.07
C ARG B 104 -0.60 -23.78 13.02
N GLY B 105 -0.05 -24.61 13.89
CA GLY B 105 1.38 -24.84 13.97
C GLY B 105 1.51 -25.04 15.44
N PRO B 106 2.70 -25.38 15.94
CA PRO B 106 2.47 -25.49 17.38
C PRO B 106 2.18 -24.19 18.14
N TRP B 107 1.11 -24.19 18.92
CA TRP B 107 1.13 -23.60 20.24
C TRP B 107 1.76 -24.84 20.81
N GLY B 108 2.48 -24.77 21.92
CA GLY B 108 2.48 -23.68 22.86
C GLY B 108 1.58 -24.20 23.95
N GLN B 109 1.95 -23.94 25.20
CA GLN B 109 1.14 -24.38 26.33
C GLN B 109 0.03 -23.37 26.54
N GLY B 110 0.39 -22.10 26.37
CA GLY B 110 -0.50 -21.00 26.67
C GLY B 110 -0.38 -20.61 28.13
N THR B 111 -1.05 -19.52 28.52
CA THR B 111 -1.14 -19.14 29.92
C THR B 111 -2.58 -18.74 30.23
N GLN B 112 -3.17 -19.39 31.23
CA GLN B 112 -4.61 -19.29 31.47
C GLN B 112 -5.11 -17.96 32.06
N VAL B 113 -6.21 -17.46 31.51
CA VAL B 113 -6.87 -16.25 31.99
C VAL B 113 -8.34 -16.50 32.33
N THR B 114 -8.69 -16.34 33.60
CA THR B 114 -10.05 -16.57 34.09
C THR B 114 -10.62 -15.29 34.72
N VAL B 115 -11.78 -14.86 34.23
CA VAL B 115 -12.40 -13.62 34.69
C VAL B 115 -13.83 -13.90 35.14
N SER B 116 -14.08 -13.71 36.44
CA SER B 116 -15.35 -14.13 37.03
C SER B 116 -15.97 -13.03 37.89
N ILE C 1 -8.01 30.88 -21.16
CA ILE C 1 -9.16 29.99 -21.20
C ILE C 1 -8.85 28.63 -20.59
N PHE C 2 -7.60 28.22 -20.70
CA PHE C 2 -7.18 26.86 -20.37
C PHE C 2 -7.63 26.31 -19.01
N PRO C 3 -7.64 27.15 -17.96
CA PRO C 3 -8.02 26.58 -16.66
C PRO C 3 -9.37 25.88 -16.72
N LYS C 4 -9.42 24.64 -16.22
CA LYS C 4 -10.65 23.86 -16.25
C LYS C 4 -11.65 24.33 -15.21
N GLN C 5 -12.94 24.38 -15.59
CA GLN C 5 -13.99 24.73 -14.67
C GLN C 5 -14.82 23.50 -14.34
N TYR C 6 -14.68 23.01 -13.12
CA TYR C 6 -15.38 21.81 -12.67
C TYR C 6 -16.72 22.12 -12.03
N PRO C 7 -17.63 21.13 -12.05
CA PRO C 7 -18.94 21.29 -11.40
C PRO C 7 -18.80 21.72 -9.95
N ILE C 8 -19.56 22.74 -9.56
CA ILE C 8 -19.53 23.28 -8.21
C ILE C 8 -20.82 22.95 -7.47
N ILE C 9 -20.69 22.29 -6.31
CA ILE C 9 -21.85 22.05 -5.46
C ILE C 9 -21.69 22.81 -4.15
N ASN C 10 -22.75 23.48 -3.70
CA ASN C 10 -22.71 24.25 -2.46
C ASN C 10 -23.46 23.60 -1.30
N PHE C 11 -22.93 23.79 -0.11
CA PHE C 11 -23.64 23.40 1.11
C PHE C 11 -23.28 24.33 2.26
N THR C 12 -24.26 24.62 3.11
CA THR C 12 -24.00 25.37 4.33
C THR C 12 -24.45 24.55 5.53
N THR C 13 -23.68 24.66 6.61
CA THR C 13 -24.09 24.07 7.87
C THR C 13 -25.02 25.03 8.59
N ALA C 14 -25.07 26.26 8.11
CA ALA C 14 -25.86 27.30 8.76
C ALA C 14 -27.32 27.13 8.40
N GLY C 15 -28.15 26.93 9.43
CA GLY C 15 -29.55 26.61 9.23
C GLY C 15 -29.69 25.41 8.31
N ALA C 16 -28.84 24.41 8.53
CA ALA C 16 -28.85 23.20 7.69
C ALA C 16 -29.99 22.26 8.10
N THR C 17 -30.53 21.55 7.12
CA THR C 17 -31.66 20.65 7.35
C THR C 17 -31.42 19.26 6.74
N VAL C 18 -32.23 18.30 7.15
CA VAL C 18 -32.23 16.97 6.55
C VAL C 18 -32.45 17.09 5.04
N GLN C 19 -33.34 18.01 4.65
CA GLN C 19 -33.63 18.25 3.24
C GLN C 19 -32.41 18.82 2.53
N SER C 20 -31.86 19.89 3.08
CA SER C 20 -30.72 20.57 2.47
C SER C 20 -29.52 19.65 2.38
N TYR C 21 -29.29 18.85 3.42
CA TYR C 21 -28.18 17.90 3.39
C TYR C 21 -28.46 16.81 2.36
N THR C 22 -29.69 16.33 2.33
CA THR C 22 -30.10 15.30 1.37
C THR C 22 -29.94 15.79 -0.08
N ASN C 23 -30.47 16.97 -0.37
CA ASN C 23 -30.34 17.55 -1.70
C ASN C 23 -28.87 17.74 -2.06
N PHE C 24 -28.05 18.02 -1.06
CA PHE C 24 -26.63 18.24 -1.27
C PHE C 24 -25.91 16.94 -1.62
N ILE C 25 -26.30 15.85 -0.97
CA ILE C 25 -25.71 14.55 -1.27
C ILE C 25 -26.20 14.05 -2.62
N ARG C 26 -27.42 14.42 -2.99
CA ARG C 26 -27.98 14.03 -4.27
C ARG C 26 -27.27 14.76 -5.40
N ALA C 27 -26.92 16.02 -5.16
CA ALA C 27 -26.22 16.82 -6.14
C ALA C 27 -24.82 16.24 -6.37
N VAL C 28 -24.19 15.78 -5.29
CA VAL C 28 -22.88 15.14 -5.39
C VAL C 28 -22.93 13.83 -6.17
N ARG C 29 -23.81 12.93 -5.77
CA ARG C 29 -23.95 11.65 -6.46
C ARG C 29 -24.25 11.86 -7.94
N GLY C 30 -25.00 12.91 -8.24
CA GLY C 30 -25.39 13.20 -9.61
C GLY C 30 -24.24 13.69 -10.48
N ARG C 31 -23.33 14.45 -9.87
CA ARG C 31 -22.20 15.01 -10.61
C ARG C 31 -21.05 14.01 -10.73
N LEU C 32 -21.09 12.96 -9.91
CA LEU C 32 -20.07 11.91 -9.97
C LEU C 32 -20.29 10.96 -11.14
N THR C 33 -21.54 10.53 -11.34
CA THR C 33 -21.86 9.55 -12.38
C THR C 33 -22.90 10.06 -13.38
N THR C 34 -22.63 9.84 -14.67
CA THR C 34 -23.59 10.10 -15.73
C THR C 34 -24.79 9.19 -15.50
N GLY C 35 -24.50 8.01 -14.95
CA GLY C 35 -25.51 7.01 -14.69
C GLY C 35 -25.54 6.04 -15.84
N ALA C 36 -24.66 6.26 -16.80
CA ALA C 36 -24.56 5.40 -17.98
C ALA C 36 -24.30 3.95 -17.59
N ASP C 37 -23.54 3.76 -16.53
CA ASP C 37 -23.11 2.43 -16.11
C ASP C 37 -23.79 1.98 -14.81
N VAL C 38 -24.65 0.97 -14.91
CA VAL C 38 -25.32 0.41 -13.75
C VAL C 38 -25.27 -1.12 -13.76
N ARG C 39 -24.70 -1.71 -12.71
CA ARG C 39 -24.68 -3.16 -12.55
C ARG C 39 -25.45 -3.54 -11.30
N HIS C 40 -26.34 -4.53 -11.41
CA HIS C 40 -27.13 -4.97 -10.26
C HIS C 40 -27.82 -3.79 -9.57
N GLU C 41 -28.28 -2.83 -10.37
CA GLU C 41 -29.02 -1.67 -9.86
C GLU C 41 -28.16 -0.60 -9.17
N ILE C 42 -26.87 -0.87 -9.01
CA ILE C 42 -25.97 0.09 -8.35
C ILE C 42 -25.03 0.81 -9.33
N PRO C 43 -25.14 2.15 -9.40
CA PRO C 43 -24.38 2.96 -10.35
C PRO C 43 -22.87 2.88 -10.15
N VAL C 44 -22.13 2.79 -11.25
CA VAL C 44 -20.67 2.67 -11.20
C VAL C 44 -20.00 3.99 -11.58
N LEU C 45 -18.94 4.35 -10.86
CA LEU C 45 -18.19 5.55 -11.15
C LEU C 45 -17.40 5.41 -12.45
N PRO C 46 -17.10 6.55 -13.10
CA PRO C 46 -16.40 6.56 -14.40
C PRO C 46 -15.05 5.86 -14.32
N ASN C 47 -14.71 5.10 -15.36
CA ASN C 47 -13.42 4.43 -15.43
C ASN C 47 -12.28 5.45 -15.42
N ARG C 48 -11.33 5.27 -14.53
CA ARG C 48 -10.22 6.20 -14.38
C ARG C 48 -9.27 6.13 -15.58
N VAL C 49 -9.33 5.02 -16.31
CA VAL C 49 -8.53 4.84 -17.51
C VAL C 49 -9.16 5.57 -18.70
N GLY C 50 -8.39 6.46 -19.33
CA GLY C 50 -8.86 7.17 -20.51
C GLY C 50 -9.80 8.33 -20.24
N LEU C 51 -10.21 8.49 -18.99
CA LEU C 51 -11.11 9.60 -18.62
C LEU C 51 -10.43 10.95 -18.84
N PRO C 52 -11.05 11.82 -19.65
CA PRO C 52 -10.46 13.14 -19.91
C PRO C 52 -10.31 13.96 -18.63
N ILE C 53 -9.20 14.68 -18.50
CA ILE C 53 -8.93 15.47 -17.30
C ILE C 53 -10.05 16.48 -17.01
N ASN C 54 -10.79 16.87 -18.04
CA ASN C 54 -11.91 17.79 -17.89
C ASN C 54 -13.09 17.17 -17.15
N GLN C 55 -13.16 15.83 -17.17
CA GLN C 55 -14.20 15.11 -16.42
C GLN C 55 -13.72 14.64 -15.05
N ARG C 56 -12.45 14.89 -14.73
CA ARG C 56 -11.81 14.24 -13.57
C ARG C 56 -12.27 14.68 -12.19
N PHE C 57 -12.67 15.93 -12.02
CA PHE C 57 -12.98 16.43 -10.68
C PHE C 57 -14.32 17.15 -10.56
N ILE C 58 -14.81 17.23 -9.31
CA ILE C 58 -15.91 18.11 -8.98
C ILE C 58 -15.57 18.88 -7.70
N LEU C 59 -16.21 20.03 -7.51
CA LEU C 59 -15.87 20.90 -6.39
C LEU C 59 -17.05 21.11 -5.44
N VAL C 60 -16.80 20.91 -4.15
CA VAL C 60 -17.81 21.15 -3.12
C VAL C 60 -17.48 22.41 -2.33
N GLU C 61 -18.28 23.46 -2.50
CA GLU C 61 -18.08 24.69 -1.74
C GLU C 61 -18.78 24.58 -0.40
N LEU C 62 -18.01 24.67 0.68
CA LEU C 62 -18.56 24.55 2.03
C LEU C 62 -18.51 25.87 2.78
N SER C 63 -19.68 26.31 3.25
CA SER C 63 -19.80 27.50 4.07
C SER C 63 -20.39 27.12 5.42
N ASN C 64 -20.18 27.95 6.44
CA ASN C 64 -20.77 27.72 7.74
C ASN C 64 -21.37 28.98 8.34
N HIS C 65 -21.87 28.88 9.57
CA HIS C 65 -22.51 30.00 10.23
C HIS C 65 -21.49 31.06 10.66
N ALA C 66 -20.21 30.72 10.56
CA ALA C 66 -19.14 31.68 10.83
C ALA C 66 -18.90 32.52 9.59
N GLU C 67 -19.63 32.21 8.53
CA GLU C 67 -19.47 32.85 7.23
C GLU C 67 -18.05 32.62 6.72
N LEU C 68 -17.59 31.39 6.89
CA LEU C 68 -16.29 30.95 6.40
C LEU C 68 -16.54 29.96 5.28
N SER C 69 -15.77 30.05 4.21
CA SER C 69 -16.00 29.21 3.04
C SER C 69 -14.77 28.39 2.66
N VAL C 70 -15.02 27.16 2.22
CA VAL C 70 -13.94 26.25 1.84
C VAL C 70 -14.31 25.39 0.63
N THR C 71 -13.35 25.19 -0.27
CA THR C 71 -13.61 24.44 -1.49
C THR C 71 -12.85 23.11 -1.53
N LEU C 72 -13.59 22.01 -1.50
CA LEU C 72 -13.01 20.68 -1.56
C LEU C 72 -12.99 20.16 -2.98
N ALA C 73 -11.94 19.42 -3.34
CA ALA C 73 -11.87 18.79 -4.65
C ALA C 73 -12.02 17.28 -4.51
N LEU C 74 -12.95 16.69 -5.25
CA LEU C 74 -13.20 15.26 -5.15
C LEU C 74 -12.83 14.52 -6.44
N ASP C 75 -12.07 13.43 -6.32
CA ASP C 75 -11.77 12.60 -7.47
C ASP C 75 -13.08 11.95 -7.91
N VAL C 76 -13.45 12.13 -9.17
CA VAL C 76 -14.73 11.61 -9.65
C VAL C 76 -14.73 10.09 -9.78
N THR C 77 -13.53 9.51 -9.81
CA THR C 77 -13.38 8.05 -9.92
C THR C 77 -13.63 7.30 -8.60
N ASN C 78 -13.01 7.76 -7.52
CA ASN C 78 -13.23 7.18 -6.20
C ASN C 78 -14.20 7.95 -5.30
N ALA C 79 -14.67 9.10 -5.78
CA ALA C 79 -15.52 9.98 -4.98
C ALA C 79 -14.84 10.47 -3.70
N TYR C 80 -13.51 10.53 -3.71
CA TYR C 80 -12.74 10.83 -2.51
C TYR C 80 -12.06 12.20 -2.63
N VAL C 81 -11.83 12.84 -1.48
CA VAL C 81 -11.24 14.18 -1.45
C VAL C 81 -9.75 14.13 -1.73
N VAL C 82 -9.31 14.81 -2.77
CA VAL C 82 -7.89 14.89 -3.11
C VAL C 82 -7.21 16.11 -2.50
N GLY C 83 -8.00 17.02 -1.94
CA GLY C 83 -7.45 18.24 -1.37
C GLY C 83 -8.49 19.36 -1.31
N TYR C 84 -8.04 20.55 -0.94
CA TYR C 84 -8.95 21.67 -0.79
C TYR C 84 -8.28 23.04 -0.99
N ARG C 85 -9.13 24.05 -1.18
CA ARG C 85 -8.67 25.42 -1.35
C ARG C 85 -9.26 26.29 -0.25
N ALA C 86 -8.44 27.10 0.39
CA ALA C 86 -8.92 28.07 1.36
C ALA C 86 -8.27 29.42 1.12
N GLY C 87 -9.07 30.42 0.79
CA GLY C 87 -8.56 31.74 0.50
C GLY C 87 -7.59 31.71 -0.66
N ASN C 88 -6.37 32.20 -0.43
CA ASN C 88 -5.35 32.26 -1.46
C ASN C 88 -4.46 31.02 -1.52
N SER C 89 -4.79 30.02 -0.71
CA SER C 89 -3.96 28.81 -0.66
C SER C 89 -4.72 27.55 -1.08
N ALA C 90 -3.98 26.53 -1.52
CA ALA C 90 -4.55 25.23 -1.84
C ALA C 90 -3.66 24.12 -1.26
N TYR C 91 -4.30 23.08 -0.73
CA TYR C 91 -3.59 21.97 -0.10
C TYR C 91 -4.01 20.62 -0.64
N PHE C 92 -3.03 19.77 -0.98
CA PHE C 92 -3.31 18.47 -1.55
C PHE C 92 -2.66 17.32 -0.79
N PHE C 93 -3.39 16.22 -0.65
CA PHE C 93 -2.78 15.01 -0.09
C PHE C 93 -1.70 14.51 -1.04
N HIS C 94 -0.74 13.78 -0.51
CA HIS C 94 0.29 13.17 -1.34
C HIS C 94 -0.36 12.18 -2.31
N PRO C 95 -0.12 12.35 -3.61
CA PRO C 95 -0.70 11.44 -4.61
C PRO C 95 -0.04 10.06 -4.59
N ASP C 96 -0.83 9.02 -4.81
CA ASP C 96 -0.31 7.64 -4.77
C ASP C 96 0.49 7.30 -6.02
N ASN C 97 0.32 8.10 -7.07
CA ASN C 97 1.06 7.89 -8.31
C ASN C 97 1.32 9.19 -9.07
N GLN C 98 2.27 9.13 -10.00
CA GLN C 98 2.68 10.31 -10.75
C GLN C 98 1.61 10.76 -11.72
N GLU C 99 0.73 9.84 -12.13
CA GLU C 99 -0.40 10.22 -12.97
C GLU C 99 -1.38 11.08 -12.19
N ASP C 100 -1.69 10.67 -10.96
CA ASP C 100 -2.56 11.44 -10.10
C ASP C 100 -1.87 12.74 -9.67
N ALA C 101 -0.54 12.73 -9.66
CA ALA C 101 0.22 13.94 -9.39
C ALA C 101 -0.07 14.98 -10.47
N GLU C 102 0.00 14.55 -11.73
CA GLU C 102 -0.29 15.41 -12.87
C GLU C 102 -1.74 15.92 -12.88
N ALA C 103 -2.68 15.05 -12.54
CA ALA C 103 -4.10 15.38 -12.59
C ALA C 103 -4.46 16.59 -11.72
N ILE C 104 -3.97 16.60 -10.48
CA ILE C 104 -4.29 17.69 -9.57
C ILE C 104 -3.62 19.02 -9.95
N THR C 105 -2.74 19.00 -10.94
CA THR C 105 -2.15 20.27 -11.40
C THR C 105 -3.20 21.10 -12.11
N HIS C 106 -4.36 20.49 -12.35
CA HIS C 106 -5.47 21.15 -13.02
C HIS C 106 -6.46 21.74 -12.04
N LEU C 107 -6.16 21.61 -10.74
CA LEU C 107 -7.03 22.08 -9.67
C LEU C 107 -6.51 23.36 -9.00
N PHE C 108 -7.41 24.28 -8.69
CA PHE C 108 -7.05 25.46 -7.93
C PHE C 108 -5.82 26.15 -8.51
N THR C 109 -5.82 26.35 -9.83
CA THR C 109 -4.68 26.93 -10.54
C THR C 109 -4.51 28.44 -10.24
N ASP C 110 -5.50 29.01 -9.56
CA ASP C 110 -5.54 30.45 -9.26
C ASP C 110 -4.64 30.85 -8.07
N VAL C 111 -4.17 29.86 -7.31
CA VAL C 111 -3.54 30.13 -6.02
C VAL C 111 -2.01 30.15 -6.01
N GLN C 112 -1.42 31.08 -5.26
N GLN C 112 -1.45 31.09 -5.24
CA GLN C 112 -0.04 30.92 -4.86
CA GLN C 112 -0.06 31.00 -4.81
C GLN C 112 -0.15 30.21 -3.52
C GLN C 112 -0.16 30.19 -3.52
N ASN C 113 0.96 29.87 -2.88
CA ASN C 113 0.90 29.04 -1.69
C ASN C 113 0.15 27.75 -2.04
N ARG C 114 0.74 26.95 -2.92
CA ARG C 114 0.17 25.66 -3.29
C ARG C 114 1.01 24.62 -2.56
N TYR C 115 0.35 23.78 -1.77
CA TYR C 115 1.07 22.82 -0.94
C TYR C 115 0.63 21.38 -1.19
N THR C 116 1.56 20.45 -0.98
CA THR C 116 1.26 19.02 -1.02
C THR C 116 1.76 18.41 0.27
N PHE C 117 0.84 17.81 1.03
CA PHE C 117 1.19 17.14 2.27
C PHE C 117 2.07 15.93 2.00
N ALA C 118 3.02 15.70 2.91
CA ALA C 118 3.88 14.53 2.82
C ALA C 118 3.06 13.25 2.98
N PHE C 119 1.86 13.40 3.55
CA PHE C 119 0.98 12.28 3.86
C PHE C 119 -0.26 12.21 2.95
N GLY C 120 -0.72 10.99 2.66
CA GLY C 120 -1.91 10.80 1.86
C GLY C 120 -3.17 11.01 2.68
N GLY C 121 -4.32 10.80 2.06
CA GLY C 121 -5.60 11.03 2.72
C GLY C 121 -6.30 9.79 3.26
N ASN C 122 -5.57 8.71 3.50
CA ASN C 122 -6.18 7.49 4.08
C ASN C 122 -6.51 7.61 5.57
N TYR C 123 -7.62 7.00 5.96
CA TYR C 123 -8.12 7.07 7.34
C TYR C 123 -7.07 6.77 8.42
N ASP C 124 -6.30 5.70 8.22
CA ASP C 124 -5.34 5.28 9.23
C ASP C 124 -4.27 6.33 9.48
N ARG C 125 -3.79 6.96 8.41
CA ARG C 125 -2.78 8.00 8.54
C ARG C 125 -3.41 9.23 9.18
N LEU C 126 -4.64 9.53 8.78
CA LEU C 126 -5.37 10.68 9.29
C LEU C 126 -5.68 10.53 10.78
N GLU C 127 -6.00 9.31 11.21
CA GLU C 127 -6.25 9.06 12.61
C GLU C 127 -4.96 9.22 13.39
N GLN C 128 -3.88 8.68 12.84
CA GLN C 128 -2.56 8.77 13.45
C GLN C 128 -2.18 10.23 13.67
N LEU C 129 -2.51 11.07 12.69
CA LEU C 129 -2.21 12.51 12.75
C LEU C 129 -3.14 13.24 13.73
N ALA C 130 -4.41 12.87 13.70
CA ALA C 130 -5.40 13.49 14.58
C ALA C 130 -5.18 13.10 16.03
N GLY C 131 -4.73 11.86 16.24
CA GLY C 131 -4.58 11.33 17.59
C GLY C 131 -5.91 10.79 18.07
N ASN C 132 -6.83 10.61 17.12
CA ASN C 132 -8.14 10.03 17.41
C ASN C 132 -8.62 9.09 16.31
N LEU C 133 -9.24 7.99 16.72
CA LEU C 133 -9.88 7.05 15.81
C LEU C 133 -11.24 7.55 15.38
N ARG C 134 -11.69 7.14 14.19
CA ARG C 134 -13.03 7.46 13.69
C ARG C 134 -14.12 7.14 14.73
N GLU C 135 -14.01 6.00 15.40
CA GLU C 135 -15.04 5.59 16.36
C GLU C 135 -15.14 6.54 17.55
N ASN C 136 -14.07 7.28 17.80
CA ASN C 136 -14.06 8.28 18.88
C ASN C 136 -14.35 9.70 18.41
N ILE C 137 -14.59 9.88 17.12
CA ILE C 137 -14.77 11.20 16.54
C ILE C 137 -16.21 11.46 16.10
N GLU C 138 -16.86 12.39 16.79
CA GLU C 138 -18.26 12.70 16.56
C GLU C 138 -18.52 13.31 15.19
N LEU C 139 -19.69 13.01 14.64
CA LEU C 139 -20.09 13.51 13.34
C LEU C 139 -21.42 14.26 13.45
N GLY C 140 -21.67 15.17 12.53
CA GLY C 140 -22.91 15.94 12.53
C GLY C 140 -22.72 17.34 11.95
N ASN C 141 -23.76 18.15 12.03
CA ASN C 141 -23.70 19.51 11.49
C ASN C 141 -22.68 20.36 12.24
N GLY C 142 -22.77 20.34 13.58
CA GLY C 142 -21.84 21.07 14.41
C GLY C 142 -20.40 20.67 14.12
N PRO C 143 -20.10 19.38 14.22
CA PRO C 143 -18.75 18.91 13.89
C PRO C 143 -18.33 19.33 12.49
N LEU C 144 -19.29 19.38 11.57
CA LEU C 144 -19.00 19.78 10.19
C LEU C 144 -18.76 21.29 10.11
N GLU C 145 -19.55 22.05 10.86
CA GLU C 145 -19.39 23.49 10.96
C GLU C 145 -18.04 23.84 11.56
N GLU C 146 -17.60 23.02 12.52
CA GLU C 146 -16.34 23.25 13.20
C GLU C 146 -15.17 22.82 12.32
N ALA C 147 -15.41 21.84 11.45
CA ALA C 147 -14.37 21.34 10.55
C ALA C 147 -14.07 22.34 9.43
N ILE C 148 -15.10 23.06 8.99
CA ILE C 148 -14.91 24.08 7.98
C ILE C 148 -14.01 25.20 8.49
N SER C 149 -14.34 25.73 9.66
CA SER C 149 -13.52 26.78 10.27
C SER C 149 -12.07 26.30 10.41
N ALA C 150 -11.90 25.06 10.84
CA ALA C 150 -10.57 24.49 11.03
C ALA C 150 -9.79 24.43 9.71
N LEU C 151 -10.47 24.08 8.63
CA LEU C 151 -9.83 24.03 7.31
C LEU C 151 -9.46 25.45 6.86
N TYR C 152 -10.35 26.40 7.11
CA TYR C 152 -10.10 27.78 6.73
C TYR C 152 -8.92 28.37 7.52
N TYR C 153 -8.95 28.20 8.83
CA TYR C 153 -7.95 28.82 9.69
C TYR C 153 -6.58 28.17 9.59
N TYR C 154 -6.51 27.01 8.94
CA TYR C 154 -5.21 26.39 8.71
C TYR C 154 -4.39 27.23 7.74
N SER C 155 -5.09 27.88 6.81
CA SER C 155 -4.45 28.75 5.83
C SER C 155 -3.82 29.97 6.50
N THR C 156 -4.43 30.43 7.58
CA THR C 156 -3.93 31.59 8.31
C THR C 156 -3.04 31.20 9.50
N GLY C 157 -2.87 29.90 9.70
CA GLY C 157 -2.01 29.40 10.76
C GLY C 157 -2.69 29.22 12.11
N GLY C 158 -4.02 29.32 12.13
CA GLY C 158 -4.76 29.17 13.38
C GLY C 158 -5.17 27.74 13.70
N THR C 159 -4.74 26.80 12.87
CA THR C 159 -5.09 25.39 13.06
C THR C 159 -3.84 24.51 13.01
N GLN C 160 -3.68 23.64 13.99
CA GLN C 160 -2.55 22.72 13.98
C GLN C 160 -2.91 21.47 13.18
N LEU C 161 -1.94 20.56 13.02
CA LEU C 161 -2.12 19.40 12.14
C LEU C 161 -3.15 18.40 12.64
N PRO C 162 -3.12 18.06 13.94
CA PRO C 162 -4.10 17.10 14.46
C PRO C 162 -5.52 17.60 14.26
N THR C 163 -5.75 18.88 14.54
CA THR C 163 -7.05 19.51 14.36
C THR C 163 -7.49 19.42 12.90
N LEU C 164 -6.57 19.73 12.00
CA LEU C 164 -6.83 19.66 10.56
C LEU C 164 -7.17 18.23 10.16
N ALA C 165 -6.32 17.28 10.56
CA ALA C 165 -6.51 15.88 10.21
C ALA C 165 -7.90 15.43 10.66
N ARG C 166 -8.25 15.78 11.88
CA ARG C 166 -9.56 15.43 12.43
C ARG C 166 -10.66 15.99 11.54
N SER C 167 -10.45 17.19 11.00
CA SER C 167 -11.46 17.84 10.17
C SER C 167 -11.60 17.16 8.82
N PHE C 168 -10.52 16.56 8.33
CA PHE C 168 -10.57 15.77 7.12
C PHE C 168 -11.46 14.56 7.35
N ILE C 169 -11.20 13.86 8.45
CA ILE C 169 -11.98 12.69 8.83
C ILE C 169 -13.48 13.02 8.88
N ILE C 170 -13.81 14.15 9.47
CA ILE C 170 -15.20 14.60 9.55
C ILE C 170 -15.78 14.88 8.17
N CYS C 171 -15.07 15.70 7.40
CA CYS C 171 -15.51 16.10 6.07
C CYS C 171 -15.62 14.94 5.09
N ILE C 172 -14.58 14.12 5.03
CA ILE C 172 -14.57 12.97 4.13
C ILE C 172 -15.73 12.04 4.41
N GLN C 173 -15.99 11.79 5.70
CA GLN C 173 -17.06 10.88 6.10
C GLN C 173 -18.45 11.42 5.79
N MET C 174 -18.65 12.72 5.99
CA MET C 174 -19.97 13.32 5.82
C MET C 174 -20.24 13.75 4.38
N ILE C 175 -19.25 13.63 3.52
CA ILE C 175 -19.42 14.02 2.14
C ILE C 175 -19.13 12.88 1.17
N SER C 176 -17.87 12.44 1.14
CA SER C 176 -17.47 11.33 0.28
C SER C 176 -18.23 10.04 0.61
N GLU C 177 -18.14 9.61 1.85
CA GLU C 177 -18.75 8.35 2.27
C GLU C 177 -20.27 8.37 2.20
N ALA C 178 -20.88 9.51 2.54
CA ALA C 178 -22.33 9.64 2.48
C ALA C 178 -22.81 9.51 1.05
N ALA C 179 -22.03 10.01 0.10
CA ALA C 179 -22.38 9.89 -1.31
C ALA C 179 -22.19 8.44 -1.78
N ARG C 180 -21.21 7.75 -1.18
CA ARG C 180 -20.99 6.35 -1.48
C ARG C 180 -22.09 5.45 -0.92
N PHE C 181 -22.64 5.81 0.23
CA PHE C 181 -23.60 4.94 0.94
C PHE C 181 -24.89 5.65 1.36
N GLN C 182 -26.03 5.12 0.92
CA GLN C 182 -27.31 5.61 1.42
C GLN C 182 -27.37 5.44 2.93
N TYR C 183 -26.92 4.28 3.39
CA TYR C 183 -26.88 3.97 4.83
C TYR C 183 -26.17 5.05 5.64
N ILE C 184 -25.02 5.51 5.15
CA ILE C 184 -24.24 6.53 5.85
C ILE C 184 -24.90 7.90 5.74
N GLU C 185 -25.46 8.19 4.57
CA GLU C 185 -26.24 9.41 4.36
C GLU C 185 -27.37 9.47 5.38
N GLY C 186 -27.96 8.31 5.67
CA GLY C 186 -29.02 8.21 6.65
C GLY C 186 -28.55 8.48 8.07
N GLU C 187 -27.39 7.94 8.42
CA GLU C 187 -26.80 8.17 9.74
C GLU C 187 -26.68 9.66 10.03
N MET C 188 -26.27 10.41 9.02
CA MET C 188 -26.05 11.85 9.16
C MET C 188 -27.37 12.61 9.24
N ARG C 189 -28.35 12.21 8.44
CA ARG C 189 -29.68 12.82 8.50
C ARG C 189 -30.23 12.68 9.92
N THR C 190 -30.16 11.45 10.44
CA THR C 190 -30.61 11.17 11.80
C THR C 190 -29.95 12.12 12.77
N ARG C 191 -28.64 12.29 12.62
CA ARG C 191 -27.88 13.18 13.49
C ARG C 191 -28.37 14.62 13.37
N ILE C 192 -28.72 15.04 12.16
CA ILE C 192 -29.23 16.39 11.92
C ILE C 192 -30.62 16.57 12.51
N ARG C 193 -31.47 15.55 12.33
CA ARG C 193 -32.84 15.58 12.81
C ARG C 193 -32.89 15.85 14.32
N TYR C 194 -32.08 15.11 15.08
CA TYR C 194 -32.02 15.27 16.52
C TYR C 194 -31.02 16.36 16.95
N ASN C 195 -30.35 16.99 15.98
CA ASN C 195 -29.31 17.97 16.28
C ASN C 195 -28.26 17.35 17.19
N ARG C 196 -27.71 16.21 16.78
CA ARG C 196 -26.79 15.43 17.61
C ARG C 196 -25.48 15.10 16.90
N ARG C 197 -24.37 15.30 17.60
CA ARG C 197 -23.07 14.80 17.13
C ARG C 197 -22.86 13.44 17.77
N SER C 198 -22.54 12.44 16.96
CA SER C 198 -22.21 11.14 17.51
C SER C 198 -21.23 10.43 16.60
N ALA C 199 -20.29 9.72 17.22
CA ALA C 199 -19.29 8.98 16.46
C ALA C 199 -19.98 7.82 15.75
N PRO C 200 -19.48 7.46 14.56
CA PRO C 200 -20.09 6.38 13.79
C PRO C 200 -19.87 5.03 14.49
N ASP C 201 -20.84 4.13 14.39
CA ASP C 201 -20.69 2.81 15.00
C ASP C 201 -19.90 1.90 14.06
N PRO C 202 -19.66 0.64 14.48
CA PRO C 202 -18.91 -0.29 13.62
C PRO C 202 -19.60 -0.60 12.29
N SER C 203 -20.94 -0.55 12.26
CA SER C 203 -21.65 -0.82 11.01
C SER C 203 -21.27 0.19 9.94
N VAL C 204 -21.22 1.47 10.31
CA VAL C 204 -20.82 2.52 9.40
C VAL C 204 -19.34 2.36 9.02
N ILE C 205 -18.51 2.19 10.02
CA ILE C 205 -17.07 2.10 9.82
C ILE C 205 -16.61 0.92 8.96
N THR C 206 -17.19 -0.26 9.19
CA THR C 206 -16.80 -1.44 8.43
C THR C 206 -17.12 -1.28 6.94
N LEU C 207 -18.19 -0.54 6.64
CA LEU C 207 -18.55 -0.21 5.27
C LEU C 207 -17.52 0.71 4.62
N GLU C 208 -17.08 1.72 5.37
CA GLU C 208 -16.06 2.62 4.88
C GLU C 208 -14.81 1.85 4.48
N ASN C 209 -14.36 0.98 5.38
CA ASN C 209 -13.19 0.14 5.13
C ASN C 209 -13.42 -0.82 3.96
N SER C 210 -14.65 -1.31 3.81
CA SER C 210 -14.94 -2.36 2.84
C SER C 210 -15.46 -1.89 1.48
N TRP C 211 -15.53 -0.57 1.30
CA TRP C 211 -16.07 0.00 0.06
C TRP C 211 -15.42 -0.53 -1.23
N GLY C 212 -14.10 -0.61 -1.23
CA GLY C 212 -13.39 -1.10 -2.41
C GLY C 212 -13.68 -2.56 -2.69
N ARG C 213 -13.58 -3.38 -1.64
CA ARG C 213 -13.81 -4.81 -1.75
C ARG C 213 -15.26 -5.11 -2.15
N LEU C 214 -16.19 -4.34 -1.60
CA LEU C 214 -17.60 -4.50 -1.91
C LEU C 214 -17.87 -4.25 -3.39
N SER C 215 -17.31 -3.17 -3.91
CA SER C 215 -17.47 -2.82 -5.31
C SER C 215 -16.89 -3.90 -6.22
N THR C 216 -15.76 -4.47 -5.81
CA THR C 216 -15.15 -5.54 -6.59
C THR C 216 -16.00 -6.81 -6.57
N ALA C 217 -16.41 -7.22 -5.38
CA ALA C 217 -17.20 -8.44 -5.23
C ALA C 217 -18.49 -8.37 -6.04
N ILE C 218 -19.12 -7.20 -6.07
CA ILE C 218 -20.34 -7.00 -6.83
C ILE C 218 -20.08 -7.14 -8.33
N GLN C 219 -19.09 -6.41 -8.82
CA GLN C 219 -18.78 -6.40 -10.24
C GLN C 219 -18.26 -7.74 -10.79
N GLU C 220 -17.63 -8.54 -9.94
CA GLU C 220 -17.14 -9.84 -10.37
C GLU C 220 -18.13 -10.96 -10.02
N SER C 221 -19.24 -10.59 -9.40
CA SER C 221 -20.21 -11.59 -8.93
C SER C 221 -20.91 -12.32 -10.07
N ASN C 222 -21.45 -13.49 -9.77
CA ASN C 222 -22.25 -14.23 -10.74
C ASN C 222 -23.73 -14.07 -10.44
N GLN C 223 -24.42 -13.34 -11.31
CA GLN C 223 -25.84 -13.03 -11.12
C GLN C 223 -26.13 -12.54 -9.69
N GLY C 224 -25.24 -11.72 -9.16
CA GLY C 224 -25.44 -11.15 -7.83
C GLY C 224 -24.72 -11.82 -6.67
N ALA C 225 -24.34 -13.09 -6.83
CA ALA C 225 -23.71 -13.84 -5.74
C ALA C 225 -22.19 -13.74 -5.72
N PHE C 226 -21.63 -13.46 -4.54
CA PHE C 226 -20.18 -13.34 -4.36
C PHE C 226 -19.47 -14.69 -4.34
N ALA C 227 -18.26 -14.73 -4.90
CA ALA C 227 -17.41 -15.93 -4.88
C ALA C 227 -16.80 -16.11 -3.48
N SER C 228 -16.45 -14.99 -2.86
CA SER C 228 -16.03 -15.01 -1.47
C SER C 228 -16.86 -14.01 -0.72
N PRO C 229 -17.28 -14.36 0.51
CA PRO C 229 -18.05 -13.42 1.33
C PRO C 229 -17.16 -12.35 1.93
N ILE C 230 -17.73 -11.19 2.24
CA ILE C 230 -17.00 -10.11 2.88
C ILE C 230 -17.60 -9.83 4.25
N GLN C 231 -16.73 -9.71 5.25
CA GLN C 231 -17.18 -9.53 6.62
C GLN C 231 -17.47 -8.08 6.96
N LEU C 232 -18.59 -7.86 7.65
CA LEU C 232 -18.97 -6.54 8.13
C LEU C 232 -19.35 -6.64 9.60
N GLN C 233 -19.73 -5.50 10.17
CA GLN C 233 -20.14 -5.47 11.57
C GLN C 233 -21.49 -4.77 11.70
N ARG C 234 -22.30 -5.27 12.62
CA ARG C 234 -23.55 -4.61 12.95
C ARG C 234 -23.24 -3.46 13.90
N ARG C 235 -24.27 -2.72 14.28
CA ARG C 235 -24.10 -1.59 15.20
C ARG C 235 -23.49 -2.01 16.52
N ASN C 236 -23.68 -3.28 16.89
CA ASN C 236 -23.11 -3.78 18.15
C ASN C 236 -21.74 -4.41 17.96
N GLY C 237 -21.23 -4.33 16.73
CA GLY C 237 -19.89 -4.82 16.43
C GLY C 237 -19.82 -6.31 16.14
N SER C 238 -20.96 -6.99 16.13
CA SER C 238 -20.96 -8.41 15.78
C SER C 238 -20.66 -8.58 14.29
N LYS C 239 -19.93 -9.63 13.95
CA LYS C 239 -19.51 -9.83 12.57
C LYS C 239 -20.42 -10.77 11.80
N PHE C 240 -20.73 -10.40 10.57
CA PHE C 240 -21.54 -11.22 9.68
C PHE C 240 -20.99 -11.16 8.26
N SER C 241 -21.43 -12.05 7.39
CA SER C 241 -20.91 -12.11 6.03
C SER C 241 -21.88 -11.51 5.03
N VAL C 242 -21.36 -10.81 4.01
CA VAL C 242 -22.17 -10.50 2.84
C VAL C 242 -21.71 -11.37 1.66
N TYR C 243 -22.55 -12.36 1.33
CA TYR C 243 -22.31 -13.28 0.21
C TYR C 243 -23.07 -12.92 -1.07
N ASP C 244 -23.88 -11.87 -1.01
CA ASP C 244 -24.77 -11.54 -2.14
C ASP C 244 -24.99 -10.03 -2.29
N VAL C 245 -25.16 -9.59 -3.53
CA VAL C 245 -25.38 -8.16 -3.82
C VAL C 245 -26.69 -7.65 -3.22
N SER C 246 -27.61 -8.58 -2.99
CA SER C 246 -28.96 -8.26 -2.55
C SER C 246 -29.03 -7.28 -1.37
N ILE C 247 -28.25 -7.53 -0.33
CA ILE C 247 -28.34 -6.74 0.91
C ILE C 247 -27.67 -5.37 0.79
N LEU C 248 -26.82 -5.21 -0.22
CA LEU C 248 -26.09 -3.97 -0.40
C LEU C 248 -26.85 -2.93 -1.23
N ILE C 249 -27.92 -3.36 -1.89
CA ILE C 249 -28.65 -2.48 -2.80
C ILE C 249 -29.30 -1.26 -2.13
N PRO C 250 -29.97 -1.47 -0.97
CA PRO C 250 -30.43 -0.35 -0.15
C PRO C 250 -29.29 0.40 0.54
N ILE C 251 -28.13 -0.26 0.63
CA ILE C 251 -26.99 0.26 1.38
C ILE C 251 -26.05 1.15 0.57
N ILE C 252 -25.43 0.57 -0.46
CA ILE C 252 -24.43 1.27 -1.26
C ILE C 252 -25.04 2.06 -2.43
N ALA C 253 -24.78 3.36 -2.44
CA ALA C 253 -25.21 4.23 -3.54
C ALA C 253 -24.29 4.18 -4.77
N LEU C 254 -22.97 4.16 -4.55
CA LEU C 254 -22.00 4.24 -5.66
C LEU C 254 -20.88 3.20 -5.59
N MET C 255 -20.44 2.72 -6.75
CA MET C 255 -19.33 1.78 -6.82
C MET C 255 -18.14 2.35 -7.58
N VAL C 256 -16.93 2.02 -7.14
CA VAL C 256 -15.74 2.33 -7.91
C VAL C 256 -15.69 1.41 -9.12
N TYR C 257 -15.29 1.94 -10.28
CA TYR C 257 -15.18 1.12 -11.48
C TYR C 257 -14.09 0.08 -11.29
N ARG C 258 -14.43 -1.18 -11.52
CA ARG C 258 -13.45 -2.27 -11.41
C ARG C 258 -13.26 -2.94 -12.77
N CYS C 259 -14.29 -3.66 -13.22
CA CYS C 259 -14.23 -4.38 -14.50
C CYS C 259 -15.33 -3.89 -15.44
N ALA C 260 -15.11 -4.12 -16.73
CA ALA C 260 -16.14 -3.88 -17.73
C ALA C 260 -17.27 -4.88 -17.54
N PRO C 261 -18.51 -4.47 -17.86
CA PRO C 261 -19.64 -5.41 -17.83
C PRO C 261 -19.78 -6.13 -19.18
N VAL D 2 4.15 30.56 4.40
CA VAL D 2 5.17 29.52 4.35
C VAL D 2 5.81 29.46 2.96
N GLN D 3 7.02 30.00 2.84
CA GLN D 3 7.66 30.13 1.53
C GLN D 3 8.99 29.39 1.44
N LEU D 4 9.38 29.07 0.22
CA LEU D 4 10.61 28.32 -0.06
C LEU D 4 11.60 29.20 -0.83
N VAL D 5 12.85 29.25 -0.39
CA VAL D 5 13.91 29.94 -1.13
C VAL D 5 15.04 28.99 -1.53
N GLU D 6 15.35 28.94 -2.83
CA GLU D 6 16.46 28.13 -3.34
C GLU D 6 17.78 28.90 -3.29
N THR D 7 18.83 28.25 -2.78
CA THR D 7 20.17 28.80 -2.78
C THR D 7 21.18 27.69 -3.07
N GLY D 8 22.43 28.06 -3.32
CA GLY D 8 23.48 27.08 -3.52
C GLY D 8 23.78 26.75 -4.98
N GLY D 9 23.11 27.44 -5.89
CA GLY D 9 23.36 27.23 -7.31
C GLY D 9 24.64 27.93 -7.75
N GLY D 10 25.27 27.43 -8.81
CA GLY D 10 26.50 28.03 -9.31
C GLY D 10 27.11 27.36 -10.52
N LEU D 11 28.39 27.66 -10.75
CA LEU D 11 29.13 27.16 -11.91
C LEU D 11 30.12 26.07 -11.50
N VAL D 12 30.14 24.96 -12.24
CA VAL D 12 30.97 23.82 -11.89
C VAL D 12 31.42 23.03 -13.12
N GLN D 13 32.48 22.23 -12.96
CA GLN D 13 32.96 21.38 -14.06
C GLN D 13 32.25 20.03 -14.08
N PRO D 14 32.26 19.36 -15.24
CA PRO D 14 31.65 18.03 -15.37
C PRO D 14 32.26 17.04 -14.38
N GLY D 15 31.42 16.33 -13.63
CA GLY D 15 31.89 15.44 -12.59
C GLY D 15 31.98 16.14 -11.24
N GLY D 16 31.79 17.46 -11.27
CA GLY D 16 31.81 18.25 -10.05
C GLY D 16 30.58 18.01 -9.19
N SER D 17 30.59 18.56 -7.98
CA SER D 17 29.47 18.42 -7.05
C SER D 17 28.93 19.77 -6.59
N LEU D 18 27.68 19.77 -6.14
CA LEU D 18 27.03 20.98 -5.65
C LEU D 18 25.92 20.63 -4.65
N THR D 19 25.66 21.56 -3.73
CA THR D 19 24.59 21.38 -2.74
C THR D 19 23.65 22.59 -2.72
N LEU D 20 22.38 22.35 -3.06
CA LEU D 20 21.38 23.42 -3.12
C LEU D 20 20.45 23.33 -1.91
N SER D 21 19.97 24.47 -1.44
CA SER D 21 19.11 24.49 -0.26
C SER D 21 17.72 25.04 -0.54
N CYS D 22 16.71 24.33 -0.05
CA CYS D 22 15.35 24.84 -0.06
C CYS D 22 15.04 25.25 1.38
N ALA D 23 14.84 26.55 1.59
CA ALA D 23 14.65 27.04 2.96
C ALA D 23 13.21 27.50 3.20
N GLY D 24 12.56 26.92 4.20
CA GLY D 24 11.23 27.34 4.58
C GLY D 24 11.30 28.51 5.54
N SER D 25 10.33 29.42 5.45
CA SER D 25 10.41 30.66 6.22
C SER D 25 9.26 30.91 7.19
N GLY D 26 8.07 31.22 6.65
CA GLY D 26 6.96 31.66 7.47
C GLY D 26 6.20 30.57 8.21
N GLY D 27 6.81 29.39 8.28
CA GLY D 27 6.24 28.28 9.04
C GLY D 27 7.06 27.02 8.85
N THR D 28 6.55 25.91 9.36
CA THR D 28 7.26 24.63 9.22
C THR D 28 6.89 23.90 7.93
N LEU D 29 7.89 23.29 7.31
CA LEU D 29 7.68 22.41 6.15
C LEU D 29 7.59 20.94 6.57
N GLU D 30 7.56 20.70 7.87
CA GLU D 30 7.59 19.36 8.47
C GLU D 30 6.65 18.34 7.82
N HIS D 31 5.38 18.70 7.65
CA HIS D 31 4.40 17.75 7.08
C HIS D 31 4.16 17.95 5.58
N TYR D 32 4.78 18.97 5.00
CA TYR D 32 4.66 19.20 3.56
C TYR D 32 5.66 18.36 2.79
N ALA D 33 5.26 17.95 1.59
CA ALA D 33 6.18 17.31 0.68
C ALA D 33 6.97 18.39 -0.05
N ILE D 34 8.26 18.17 -0.21
CA ILE D 34 9.06 19.10 -0.99
C ILE D 34 9.66 18.34 -2.17
N GLY D 35 9.78 19.00 -3.31
CA GLY D 35 10.37 18.35 -4.45
C GLY D 35 11.13 19.32 -5.31
N TRP D 36 12.08 18.77 -6.06
CA TRP D 36 12.96 19.58 -6.89
C TRP D 36 12.68 19.32 -8.36
N PHE D 37 12.44 20.41 -9.08
CA PHE D 37 12.28 20.38 -10.51
C PHE D 37 13.36 21.24 -11.14
N ARG D 38 13.73 20.94 -12.37
CA ARG D 38 14.73 21.75 -13.05
C ARG D 38 14.24 22.07 -14.46
N GLN D 39 14.60 23.24 -14.96
CA GLN D 39 14.25 23.56 -16.34
C GLN D 39 15.50 23.87 -17.14
N ALA D 40 15.79 23.01 -18.10
CA ALA D 40 16.89 23.25 -19.01
C ALA D 40 16.40 24.16 -20.12
N PRO D 41 17.28 25.02 -20.65
CA PRO D 41 16.89 25.93 -21.73
C PRO D 41 16.23 25.19 -22.90
N GLY D 42 15.18 25.78 -23.46
CA GLY D 42 14.49 25.17 -24.58
C GLY D 42 13.60 24.00 -24.19
N LYS D 43 13.69 23.57 -22.93
CA LYS D 43 12.92 22.41 -22.45
C LYS D 43 11.95 22.80 -21.33
N GLU D 44 10.91 21.99 -21.15
CA GLU D 44 9.99 22.15 -20.03
C GLU D 44 10.58 21.61 -18.73
N HIS D 45 10.08 22.11 -17.61
CA HIS D 45 10.52 21.64 -16.30
C HIS D 45 10.43 20.13 -16.21
N GLU D 46 11.44 19.50 -15.62
CA GLU D 46 11.39 18.07 -15.36
C GLU D 46 11.53 17.83 -13.86
N TRP D 47 10.94 16.74 -13.39
CA TRP D 47 10.96 16.43 -11.97
C TRP D 47 12.15 15.53 -11.63
N LEU D 48 12.72 15.77 -10.46
CA LEU D 48 13.93 15.08 -10.03
C LEU D 48 13.69 14.26 -8.77
N VAL D 49 13.33 14.95 -7.70
CA VAL D 49 13.20 14.32 -6.38
C VAL D 49 11.86 14.65 -5.72
N CYS D 50 11.35 13.70 -4.95
CA CYS D 50 10.21 13.95 -4.09
C CYS D 50 10.58 13.55 -2.65
N ASN D 51 10.67 14.55 -1.78
CA ASN D 51 11.07 14.33 -0.39
C ASN D 51 9.86 14.47 0.53
N ARG D 52 9.50 13.37 1.17
CA ARG D 52 8.33 13.34 2.06
C ARG D 52 8.68 13.48 3.54
N GLY D 53 9.96 13.70 3.84
CA GLY D 53 10.40 13.87 5.20
C GLY D 53 10.27 12.61 6.04
N GLU D 54 9.68 12.74 7.22
CA GLU D 54 9.50 11.60 8.12
C GLU D 54 8.21 10.83 7.80
N TYR D 55 7.40 11.36 6.89
CA TYR D 55 6.12 10.74 6.53
C TYR D 55 6.21 9.72 5.42
N GLY D 56 7.36 9.65 4.75
CA GLY D 56 7.56 8.66 3.72
C GLY D 56 8.95 8.68 3.12
N SER D 57 9.18 7.76 2.17
CA SER D 57 10.49 7.63 1.52
C SER D 57 10.71 8.66 0.41
N THR D 58 11.96 9.04 0.21
CA THR D 58 12.33 9.95 -0.87
C THR D 58 12.36 9.19 -2.19
N VAL D 59 11.76 9.78 -3.23
CA VAL D 59 11.71 9.13 -4.54
C VAL D 59 12.61 9.88 -5.53
N TYR D 60 13.37 9.14 -6.33
CA TYR D 60 14.25 9.75 -7.30
C TYR D 60 13.86 9.39 -8.72
N VAL D 61 13.87 10.38 -9.62
CA VAL D 61 13.71 10.10 -11.03
C VAL D 61 14.91 9.28 -11.49
N ASP D 62 14.72 8.43 -12.50
CA ASP D 62 15.75 7.46 -12.90
C ASP D 62 17.11 8.00 -13.39
N SER D 63 17.13 9.17 -14.03
CA SER D 63 18.40 9.69 -14.56
C SER D 63 19.35 10.18 -13.46
N VAL D 64 18.79 10.63 -12.34
CA VAL D 64 19.60 11.18 -11.25
C VAL D 64 19.89 10.14 -10.16
N LYS D 65 19.39 8.93 -10.35
CA LYS D 65 19.59 7.86 -9.37
C LYS D 65 21.07 7.50 -9.23
N GLY D 66 21.57 7.54 -8.00
CA GLY D 66 22.98 7.30 -7.74
C GLY D 66 23.80 8.58 -7.77
N ARG D 67 23.21 9.64 -8.33
CA ARG D 67 23.90 10.91 -8.48
C ARG D 67 23.39 11.96 -7.49
N PHE D 68 22.10 12.31 -7.60
CA PHE D 68 21.52 13.32 -6.73
C PHE D 68 21.05 12.70 -5.41
N THR D 69 21.17 13.46 -4.32
CA THR D 69 20.73 13.00 -3.00
C THR D 69 20.02 14.12 -2.25
N ALA D 70 18.85 13.81 -1.70
CA ALA D 70 18.07 14.81 -0.98
C ALA D 70 17.89 14.44 0.49
N SER D 71 17.94 15.43 1.37
CA SER D 71 17.73 15.22 2.80
C SER D 71 17.13 16.45 3.47
N ARG D 72 16.59 16.26 4.67
CA ARG D 72 16.02 17.37 5.43
C ARG D 72 16.74 17.62 6.75
N ASP D 73 16.65 18.86 7.22
CA ASP D 73 16.93 19.19 8.59
C ASP D 73 15.70 19.91 9.13
N ASN D 74 15.00 19.27 10.06
CA ASN D 74 13.72 19.79 10.56
C ASN D 74 13.89 20.99 11.48
N ALA D 75 14.99 21.02 12.23
CA ALA D 75 15.30 22.17 13.08
C ALA D 75 15.56 23.38 12.19
N LYS D 76 16.30 23.16 11.10
CA LYS D 76 16.66 24.23 10.19
C LYS D 76 15.57 24.52 9.15
N ASN D 77 14.52 23.70 9.14
CA ASN D 77 13.41 23.90 8.21
C ASN D 77 13.88 23.96 6.76
N THR D 78 14.86 23.13 6.42
CA THR D 78 15.51 23.21 5.11
C THR D 78 15.60 21.84 4.43
N VAL D 79 15.36 21.81 3.12
CA VAL D 79 15.59 20.63 2.30
C VAL D 79 16.85 20.85 1.46
N TYR D 80 17.68 19.82 1.33
CA TYR D 80 18.89 19.93 0.53
C TYR D 80 18.83 19.02 -0.69
N LEU D 81 19.41 19.47 -1.79
CA LEU D 81 19.69 18.58 -2.92
C LEU D 81 21.19 18.53 -3.17
N GLN D 82 21.78 17.36 -2.97
CA GLN D 82 23.20 17.19 -3.18
C GLN D 82 23.43 16.70 -4.60
N LEU D 83 24.03 17.56 -5.42
CA LEU D 83 24.32 17.23 -6.81
C LEU D 83 25.70 16.60 -6.93
N ASN D 84 25.79 15.44 -7.58
CA ASN D 84 27.06 14.74 -7.72
C ASN D 84 27.32 14.24 -9.14
N SER D 85 28.59 14.03 -9.46
CA SER D 85 28.99 13.60 -10.80
C SER D 85 28.18 14.40 -11.81
N LEU D 86 28.35 15.72 -11.82
CA LEU D 86 27.49 16.58 -12.61
C LEU D 86 27.82 16.56 -14.11
N LYS D 87 26.79 16.75 -14.93
CA LYS D 87 26.90 16.70 -16.38
C LYS D 87 26.30 17.95 -17.02
N PRO D 88 26.86 18.36 -18.17
CA PRO D 88 26.31 19.51 -18.92
C PRO D 88 24.83 19.31 -19.24
N ASP D 89 24.35 18.08 -19.18
CA ASP D 89 22.94 17.80 -19.41
C ASP D 89 22.11 18.36 -18.25
N ASP D 90 22.77 18.49 -17.10
CA ASP D 90 22.12 18.90 -15.86
C ASP D 90 22.02 20.42 -15.71
N THR D 91 22.61 21.14 -16.64
CA THR D 91 22.55 22.60 -16.64
C THR D 91 21.12 23.09 -16.72
N GLY D 92 20.75 24.00 -15.81
CA GLY D 92 19.43 24.62 -15.85
C GLY D 92 19.14 25.35 -14.55
N ILE D 93 17.91 25.83 -14.41
CA ILE D 93 17.47 26.43 -13.14
C ILE D 93 16.74 25.37 -12.32
N TYR D 94 17.07 25.27 -11.04
CA TYR D 94 16.50 24.27 -10.16
C TYR D 94 15.52 24.90 -9.17
N TYR D 95 14.29 24.39 -9.15
CA TYR D 95 13.27 24.92 -8.25
C TYR D 95 12.86 23.92 -7.18
N CYS D 96 12.70 24.40 -5.96
CA CYS D 96 12.06 23.61 -4.93
C CYS D 96 10.62 24.09 -4.80
N VAL D 97 9.69 23.16 -4.80
CA VAL D 97 8.28 23.49 -4.67
C VAL D 97 7.68 22.49 -3.70
N SER D 98 6.44 22.73 -3.25
CA SER D 98 5.81 21.70 -2.45
C SER D 98 4.90 20.94 -3.40
N GLY D 99 5.36 19.78 -3.83
CA GLY D 99 4.68 18.99 -4.84
C GLY D 99 5.64 17.97 -5.45
N CYS D 100 5.12 17.00 -6.17
CA CYS D 100 5.95 15.93 -6.72
C CYS D 100 5.49 15.37 -8.07
N TYR D 101 6.46 15.09 -8.93
CA TYR D 101 6.29 14.39 -10.20
C TYR D 101 5.58 15.23 -11.25
N SER D 102 4.84 16.24 -10.80
CA SER D 102 4.18 17.13 -11.72
C SER D 102 4.02 18.52 -11.10
N TRP D 103 4.38 19.56 -11.84
CA TRP D 103 4.14 20.91 -11.33
C TRP D 103 3.78 21.88 -12.44
N ARG D 104 2.65 22.57 -12.29
CA ARG D 104 2.31 23.68 -13.17
C ARG D 104 2.66 25.02 -12.53
N GLY D 105 3.26 24.94 -11.36
CA GLY D 105 3.57 26.12 -10.58
C GLY D 105 2.59 26.25 -9.42
N PRO D 106 2.75 27.31 -8.62
CA PRO D 106 3.77 28.35 -8.84
C PRO D 106 5.22 27.96 -8.53
N TRP D 107 6.11 28.34 -9.43
CA TRP D 107 7.50 28.64 -9.11
C TRP D 107 7.48 30.17 -9.20
N GLY D 108 8.27 30.88 -8.40
CA GLY D 108 9.45 30.39 -7.72
C GLY D 108 10.64 30.94 -8.49
N GLN D 109 11.68 31.32 -7.76
CA GLN D 109 12.83 31.96 -8.37
C GLN D 109 13.82 30.94 -8.93
N GLY D 110 14.06 29.89 -8.15
CA GLY D 110 15.05 28.89 -8.48
C GLY D 110 16.46 29.39 -8.22
N THR D 111 17.44 28.51 -8.51
CA THR D 111 18.84 28.87 -8.42
C THR D 111 19.59 28.27 -9.60
N GLN D 112 20.51 29.03 -10.17
CA GLN D 112 21.18 28.61 -11.40
C GLN D 112 22.28 27.57 -11.22
N VAL D 113 22.17 26.47 -11.97
CA VAL D 113 23.21 25.44 -11.99
C VAL D 113 23.75 25.28 -13.42
N THR D 114 25.03 25.59 -13.58
CA THR D 114 25.68 25.50 -14.89
C THR D 114 26.93 24.65 -14.79
N VAL D 115 27.00 23.61 -15.61
CA VAL D 115 28.16 22.73 -15.62
C VAL D 115 28.76 22.70 -17.03
N SER D 116 30.05 22.99 -17.13
CA SER D 116 30.73 23.10 -18.41
C SER D 116 32.22 22.81 -18.29
#